data_7H7V
#
_entry.id   7H7V
#
_cell.length_a   87.239
_cell.length_b   87.239
_cell.length_c   85.350
_cell.angle_alpha   90.00
_cell.angle_beta   90.00
_cell.angle_gamma   120.00
#
_symmetry.space_group_name_H-M   'P 31'
#
loop_
_entity.id
_entity.type
_entity.pdbx_description
1 polymer 'Non-structural protein 3'
2 non-polymer 'DIMETHYL SULFOXIDE'
3 non-polymer 2-AMINO-2-HYDROXYMETHYL-PROPANE-1,3-DIOL
4 non-polymer 'CHLORIDE ION'
5 non-polymer 4-bromanylpyridin-2-amine
6 water water
#
_entity_poly.entity_id   1
_entity_poly.type   'polypeptide(L)'
_entity_poly.pdbx_seq_one_letter_code
;GAMAPSYRVKRMDIAKNDEECVVNAANPRGLPGDGVCKAVYKKWPESFKNSATPVGTAKTVMCGTYPVIHAVGPNFSNYT
ESEGDRELAAAYREVAKEVTRLGVNSVAIPLLSTGVYSGGKDRLTQSLNHLFTAMDSTDADVVIYCRDKEWEKKISEAIQ
MRT
;
_entity_poly.pdbx_strand_id   A,B,C,D
#
loop_
_chem_comp.id
_chem_comp.type
_chem_comp.name
_chem_comp.formula
CL non-polymer 'CHLORIDE ION' 'Cl -1'
DMS non-polymer 'DIMETHYL SULFOXIDE' 'C2 H6 O S'
HEW non-polymer 4-bromanylpyridin-2-amine 'C5 H5 Br N2'
TRS non-polymer 2-AMINO-2-HYDROXYMETHYL-PROPANE-1,3-DIOL 'C4 H12 N O3 1'
#
# COMPACT_ATOMS: atom_id res chain seq x y z
N GLY A 1 1.79 23.77 -5.32
CA GLY A 1 0.44 24.26 -5.79
C GLY A 1 0.07 23.66 -7.15
N ALA A 2 -1.23 23.63 -7.49
CA ALA A 2 -1.69 23.30 -8.86
C ALA A 2 -1.38 24.48 -9.79
N MET A 3 -1.13 24.21 -11.07
CA MET A 3 -0.73 25.26 -12.06
C MET A 3 -1.90 26.23 -12.28
N ALA A 4 -3.13 25.72 -12.31
CA ALA A 4 -4.34 26.56 -12.47
C ALA A 4 -5.37 26.03 -11.50
N PRO A 5 -5.22 26.31 -10.19
CA PRO A 5 -6.10 25.72 -9.19
C PRO A 5 -7.58 25.75 -9.62
N SER A 6 -8.29 24.63 -9.45
CA SER A 6 -9.67 24.43 -9.93
C SER A 6 -10.53 23.82 -8.84
N TYR A 7 -11.83 23.89 -9.03
CA TYR A 7 -12.85 23.09 -8.33
C TYR A 7 -13.48 22.13 -9.34
N ARG A 8 -13.72 20.91 -8.90
CA ARG A 8 -14.46 19.91 -9.67
C ARG A 8 -15.37 19.17 -8.71
N VAL A 9 -16.34 18.49 -9.28
CA VAL A 9 -17.23 17.62 -8.50
C VAL A 9 -17.32 16.30 -9.20
N LYS A 10 -17.34 15.22 -8.41
CA LYS A 10 -17.56 13.86 -8.90
C LYS A 10 -18.57 13.17 -8.00
N ARG A 11 -19.43 12.39 -8.64
CA ARG A 11 -20.47 11.56 -7.98
C ARG A 11 -19.94 10.14 -7.91
N MET A 12 -19.26 9.83 -6.82
CA MET A 12 -18.66 8.51 -6.58
C MET A 12 -18.14 8.48 -5.13
N ASP A 13 -17.77 7.30 -4.71
CA ASP A 13 -17.17 6.98 -3.40
C ASP A 13 -15.85 7.74 -3.27
N ILE A 14 -15.74 8.65 -2.29
CA ILE A 14 -14.48 9.40 -1.98
C ILE A 14 -13.33 8.42 -1.65
N ALA A 15 -13.61 7.20 -1.18
CA ALA A 15 -12.58 6.17 -0.98
C ALA A 15 -11.87 5.77 -2.28
N LYS A 16 -12.40 6.08 -3.48
CA LYS A 16 -11.77 5.81 -4.77
C LYS A 16 -11.23 7.10 -5.40
N ASN A 17 -10.92 8.12 -4.60
CA ASN A 17 -10.49 9.42 -5.16
C ASN A 17 -9.13 9.29 -5.85
N ASP A 18 -8.86 10.24 -6.71
CA ASP A 18 -7.62 10.35 -7.52
C ASP A 18 -6.86 11.58 -7.06
N GLU A 19 -6.93 11.94 -5.79
CA GLU A 19 -6.25 13.15 -5.27
C GLU A 19 -5.12 12.77 -4.29
N GLU A 20 -4.33 13.74 -3.88
CA GLU A 20 -3.10 13.48 -3.07
C GLU A 20 -3.42 13.33 -1.58
N CYS A 21 -4.64 13.63 -1.17
CA CYS A 21 -5.14 13.48 0.22
C CYS A 21 -6.65 13.54 0.22
N VAL A 22 -7.23 13.13 1.33
CA VAL A 22 -8.68 13.00 1.50
C VAL A 22 -9.07 13.71 2.77
N VAL A 23 -10.22 14.35 2.73
CA VAL A 23 -10.88 14.87 3.96
C VAL A 23 -11.97 13.88 4.36
N ASN A 24 -11.91 13.39 5.59
CA ASN A 24 -12.96 12.55 6.19
C ASN A 24 -13.99 13.46 6.86
N ALA A 25 -15.27 13.18 6.65
CA ALA A 25 -16.38 13.78 7.43
C ALA A 25 -16.47 12.97 8.73
N ALA A 26 -15.55 13.24 9.63
CA ALA A 26 -15.31 12.48 10.87
C ALA A 26 -16.32 12.82 11.99
N ASN A 27 -16.36 11.92 12.95
CA ASN A 27 -17.00 12.21 14.25
C ASN A 27 -15.91 12.60 15.22
N PRO A 28 -16.27 13.28 16.32
CA PRO A 28 -15.26 13.78 17.24
C PRO A 28 -14.43 12.71 17.98
N ARG A 29 -14.94 11.49 18.06
CA ARG A 29 -14.35 10.39 18.86
C ARG A 29 -13.48 9.49 18.01
N GLY A 30 -13.31 9.79 16.73
CA GLY A 30 -12.47 8.91 15.91
C GLY A 30 -13.07 7.55 15.73
N LEU A 31 -14.40 7.42 15.77
CA LEU A 31 -15.07 6.11 15.57
C LEU A 31 -15.31 5.89 14.09
N PRO A 32 -15.45 4.61 13.67
CA PRO A 32 -15.73 4.27 12.28
C PRO A 32 -16.97 4.94 11.70
N GLY A 33 -18.00 5.21 12.51
CA GLY A 33 -19.13 6.04 12.04
C GLY A 33 -19.92 5.44 10.88
N ASP A 34 -20.53 6.30 10.06
CA ASP A 34 -21.44 5.93 8.95
C ASP A 34 -21.10 6.77 7.71
N GLY A 35 -21.63 6.40 6.54
CA GLY A 35 -21.52 7.24 5.32
C GLY A 35 -20.08 7.39 4.84
N VAL A 36 -19.63 8.61 4.55
CA VAL A 36 -18.22 8.89 4.17
C VAL A 36 -17.25 8.29 5.20
N CYS A 37 -17.50 8.51 6.48
CA CYS A 37 -16.61 8.09 7.60
C CYS A 37 -16.36 6.57 7.56
N LYS A 38 -17.40 5.78 7.29
CA LYS A 38 -17.28 4.29 7.26
C LYS A 38 -16.50 3.88 6.00
N ALA A 39 -16.70 4.55 4.87
CA ALA A 39 -15.93 4.27 3.63
C ALA A 39 -14.46 4.57 3.91
N VAL A 40 -14.20 5.68 4.60
CA VAL A 40 -12.81 6.13 4.90
C VAL A 40 -12.19 5.12 5.87
N TYR A 41 -12.96 4.66 6.88
CA TYR A 41 -12.46 3.67 7.84
C TYR A 41 -12.06 2.36 7.15
N LYS A 42 -12.86 1.93 6.17
CA LYS A 42 -12.62 0.67 5.39
C LYS A 42 -11.36 0.82 4.54
N LYS A 43 -11.14 2.01 3.98
CA LYS A 43 -10.04 2.25 3.00
C LYS A 43 -8.73 2.54 3.74
N TRP A 44 -8.79 3.33 4.79
CA TRP A 44 -7.64 3.88 5.52
C TRP A 44 -7.77 3.67 7.02
N PRO A 45 -7.98 2.44 7.52
CA PRO A 45 -8.21 2.22 8.95
C PRO A 45 -7.07 2.72 9.85
N GLU A 46 -5.84 2.64 9.33
CA GLU A 46 -4.62 3.09 10.07
C GLU A 46 -4.72 4.57 10.41
N SER A 47 -5.47 5.37 9.63
CA SER A 47 -5.59 6.83 9.83
C SER A 47 -6.49 7.16 11.01
N PHE A 48 -7.09 6.17 11.65
CA PHE A 48 -7.97 6.44 12.81
C PHE A 48 -7.21 6.25 14.12
N LYS A 49 -5.92 6.01 14.08
CA LYS A 49 -5.07 6.10 15.30
C LYS A 49 -5.04 7.51 15.85
N ASN A 50 -5.64 7.76 17.02
CA ASN A 50 -5.62 9.08 17.69
C ASN A 50 -6.15 10.13 16.72
N SER A 51 -7.21 9.81 16.01
CA SER A 51 -7.90 10.78 15.10
C SER A 51 -8.99 11.62 15.83
N ALA A 52 -9.38 11.25 17.03
CA ALA A 52 -10.37 12.02 17.82
C ALA A 52 -9.94 13.48 17.92
N THR A 53 -10.89 14.42 17.73
CA THR A 53 -10.64 15.87 17.68
C THR A 53 -11.98 16.58 17.87
N PRO A 54 -12.01 17.81 18.43
CA PRO A 54 -13.28 18.43 18.74
C PRO A 54 -14.06 18.86 17.50
N VAL A 55 -15.31 19.23 17.71
CA VAL A 55 -16.16 19.80 16.64
C VAL A 55 -15.49 21.10 16.18
N GLY A 56 -15.53 21.35 14.86
CA GLY A 56 -15.00 22.61 14.33
C GLY A 56 -13.49 22.55 14.06
N THR A 57 -12.88 21.38 14.24
CA THR A 57 -11.42 21.17 14.00
C THR A 57 -11.16 20.09 12.97
N ALA A 58 -9.91 20.02 12.54
CA ALA A 58 -9.40 18.99 11.61
C ALA A 58 -8.09 18.48 12.19
N LYS A 59 -7.94 17.19 12.12
CA LYS A 59 -6.69 16.51 12.57
C LYS A 59 -6.27 15.55 11.47
N THR A 60 -5.04 15.68 10.98
CA THR A 60 -4.52 14.80 9.92
C THR A 60 -3.78 13.62 10.54
N VAL A 61 -4.05 12.41 10.07
CA VAL A 61 -3.30 11.18 10.39
C VAL A 61 -2.94 10.51 9.08
N MET A 62 -1.70 10.05 8.99
N MET A 62 -1.68 10.11 8.96
CA MET A 62 -1.14 9.43 7.77
CA MET A 62 -1.16 9.45 7.73
C MET A 62 -1.59 7.97 7.71
C MET A 62 -1.62 7.99 7.71
N CYS A 63 -1.98 7.51 6.53
CA CYS A 63 -2.15 6.07 6.25
C CYS A 63 -1.03 5.73 5.28
N GLY A 64 0.06 5.16 5.78
CA GLY A 64 1.31 5.10 5.00
C GLY A 64 1.86 6.48 4.80
N THR A 65 1.95 6.98 3.56
CA THR A 65 2.25 8.40 3.29
C THR A 65 1.02 9.17 2.81
N TYR A 66 -0.16 8.56 2.81
CA TYR A 66 -1.38 9.22 2.25
C TYR A 66 -2.08 9.95 3.38
N PRO A 67 -2.23 11.30 3.36
CA PRO A 67 -2.87 12.04 4.45
C PRO A 67 -4.40 11.95 4.45
N VAL A 68 -4.93 11.60 5.63
CA VAL A 68 -6.38 11.62 5.90
C VAL A 68 -6.62 12.77 6.87
N ILE A 69 -7.36 13.80 6.44
CA ILE A 69 -7.63 15.01 7.22
C ILE A 69 -9.02 14.75 7.82
N HIS A 70 -9.06 14.43 9.10
CA HIS A 70 -10.33 14.19 9.83
C HIS A 70 -10.95 15.52 10.21
N ALA A 71 -12.00 15.92 9.52
CA ALA A 71 -12.68 17.22 9.72
C ALA A 71 -14.03 16.98 10.40
N VAL A 72 -14.17 17.55 11.57
CA VAL A 72 -15.40 17.32 12.40
C VAL A 72 -16.39 18.49 12.27
N GLY A 73 -17.35 18.32 11.39
CA GLY A 73 -18.50 19.22 11.26
C GLY A 73 -19.47 19.01 12.43
N PRO A 74 -20.25 20.05 12.75
CA PRO A 74 -21.28 19.94 13.79
C PRO A 74 -22.43 19.02 13.37
N ASN A 75 -23.01 18.34 14.36
CA ASN A 75 -24.28 17.60 14.17
C ASN A 75 -25.41 18.58 14.48
N PHE A 76 -26.12 19.04 13.47
CA PHE A 76 -27.16 20.09 13.58
C PHE A 76 -28.38 19.55 14.39
N SER A 77 -28.40 18.29 14.75
CA SER A 77 -29.38 17.80 15.77
C SER A 77 -29.06 18.40 17.15
N ASN A 78 -27.78 18.66 17.43
CA ASN A 78 -27.33 19.06 18.78
C ASN A 78 -27.12 20.54 18.85
N TYR A 79 -26.66 21.16 17.76
CA TYR A 79 -26.28 22.59 17.74
C TYR A 79 -27.49 23.45 17.32
N THR A 80 -27.58 24.67 17.80
CA THR A 80 -28.45 25.73 17.21
C THR A 80 -27.96 25.99 15.77
N GLU A 81 -28.87 26.44 14.89
CA GLU A 81 -28.49 26.86 13.51
C GLU A 81 -27.29 27.81 13.54
N SER A 82 -27.27 28.76 14.47
CA SER A 82 -26.22 29.80 14.57
C SER A 82 -24.89 29.17 15.01
N GLU A 83 -24.89 28.37 16.08
CA GLU A 83 -23.64 27.77 16.57
C GLU A 83 -23.15 26.74 15.55
N GLY A 84 -24.05 25.98 14.96
CA GLY A 84 -23.72 24.95 14.00
C GLY A 84 -23.08 25.61 12.80
N ASP A 85 -23.65 26.73 12.37
CA ASP A 85 -23.11 27.46 11.21
C ASP A 85 -21.66 27.86 11.46
N ARG A 86 -21.38 28.41 12.66
CA ARG A 86 -20.02 28.86 13.06
C ARG A 86 -19.04 27.67 13.07
N GLU A 87 -19.44 26.53 13.63
CA GLU A 87 -18.55 25.35 13.74
C GLU A 87 -18.30 24.78 12.34
N LEU A 88 -19.30 24.82 11.46
CA LEU A 88 -19.18 24.24 10.12
C LEU A 88 -18.16 25.08 9.32
N ALA A 89 -18.28 26.40 9.40
CA ALA A 89 -17.31 27.34 8.79
C ALA A 89 -15.93 27.05 9.38
N ALA A 90 -15.81 26.88 10.68
CA ALA A 90 -14.50 26.65 11.34
C ALA A 90 -13.87 25.33 10.86
N ALA A 91 -14.64 24.23 10.79
CA ALA A 91 -14.06 22.94 10.33
C ALA A 91 -13.40 23.15 8.97
N TYR A 92 -14.07 23.85 8.05
CA TYR A 92 -13.46 24.04 6.72
C TYR A 92 -12.22 24.93 6.81
N ARG A 93 -12.21 26.00 7.63
CA ARG A 93 -10.96 26.79 7.77
C ARG A 93 -9.82 25.88 8.22
N GLU A 94 -10.05 24.93 9.15
CA GLU A 94 -8.98 24.03 9.65
C GLU A 94 -8.58 23.09 8.53
N VAL A 95 -9.48 22.66 7.65
CA VAL A 95 -9.12 21.84 6.48
C VAL A 95 -8.18 22.65 5.58
N ALA A 96 -8.51 23.90 5.31
CA ALA A 96 -7.62 24.73 4.45
C ALA A 96 -6.21 24.86 5.04
N LYS A 97 -6.08 25.05 6.35
CA LYS A 97 -4.78 25.09 7.05
C LYS A 97 -4.02 23.77 6.82
N GLU A 98 -4.67 22.63 6.97
CA GLU A 98 -4.03 21.32 6.86
C GLU A 98 -3.58 21.08 5.43
N VAL A 99 -4.44 21.37 4.46
CA VAL A 99 -4.16 21.16 3.04
C VAL A 99 -2.90 21.99 2.70
N THR A 100 -2.87 23.19 3.22
CA THR A 100 -1.72 24.12 2.96
C THR A 100 -0.46 23.54 3.60
N ARG A 101 -0.55 23.14 4.87
CA ARG A 101 0.60 22.61 5.63
C ARG A 101 1.18 21.38 4.92
N LEU A 102 0.33 20.50 4.37
CA LEU A 102 0.74 19.21 3.79
C LEU A 102 1.49 19.49 2.48
N GLY A 103 1.22 20.61 1.82
CA GLY A 103 1.87 20.95 0.54
C GLY A 103 1.33 20.12 -0.61
N VAL A 104 0.12 19.54 -0.48
CA VAL A 104 -0.49 18.72 -1.54
C VAL A 104 -0.90 19.63 -2.73
N ASN A 105 -0.99 19.05 -3.91
CA ASN A 105 -1.48 19.78 -5.10
C ASN A 105 -2.95 19.47 -5.37
N SER A 106 -3.53 18.55 -4.60
CA SER A 106 -4.95 18.17 -4.81
C SER A 106 -5.49 17.56 -3.51
N VAL A 107 -6.79 17.69 -3.32
CA VAL A 107 -7.52 17.20 -2.12
C VAL A 107 -8.93 16.76 -2.55
N ALA A 108 -9.35 15.58 -2.08
CA ALA A 108 -10.71 15.05 -2.18
C ALA A 108 -11.48 15.48 -0.92
N ILE A 109 -12.66 16.08 -1.09
N ILE A 109 -12.61 16.18 -1.09
CA ILE A 109 -13.41 16.68 0.05
CA ILE A 109 -13.42 16.73 0.04
C ILE A 109 -14.91 16.43 -0.08
C ILE A 109 -14.87 16.29 -0.12
N PRO A 110 -15.54 15.90 0.99
CA PRO A 110 -17.00 15.71 1.00
C PRO A 110 -17.67 17.01 1.50
N LEU A 111 -18.99 17.18 1.36
CA LEU A 111 -19.64 18.35 2.00
C LEU A 111 -19.97 18.01 3.46
N LEU A 112 -19.28 18.65 4.37
CA LEU A 112 -19.44 18.41 5.82
C LEU A 112 -20.87 18.76 6.22
N SER A 113 -21.37 17.96 7.16
CA SER A 113 -22.65 18.19 7.87
C SER A 113 -23.86 18.14 6.92
N THR A 114 -23.77 17.44 5.79
CA THR A 114 -24.89 17.37 4.81
C THR A 114 -25.60 16.01 4.89
N GLY A 115 -25.05 15.06 5.65
CA GLY A 115 -25.58 13.69 5.76
C GLY A 115 -26.31 13.53 7.09
N VAL A 116 -25.88 12.56 7.91
CA VAL A 116 -26.55 12.26 9.21
C VAL A 116 -26.33 13.38 10.23
N TYR A 117 -25.43 14.33 9.99
CA TYR A 117 -25.23 15.51 10.85
C TYR A 117 -26.02 16.73 10.36
N SER A 118 -26.84 16.59 9.32
CA SER A 118 -27.58 17.75 8.73
C SER A 118 -28.78 18.16 9.60
N GLY A 119 -29.17 17.36 10.59
CA GLY A 119 -30.39 17.66 11.38
C GLY A 119 -31.64 17.62 10.49
N GLY A 120 -31.59 16.79 9.45
CA GLY A 120 -32.65 16.49 8.47
C GLY A 120 -32.99 17.68 7.56
N LYS A 121 -32.01 18.56 7.31
CA LYS A 121 -32.15 19.75 6.42
C LYS A 121 -31.24 19.58 5.21
N ASP A 122 -31.56 20.31 4.14
CA ASP A 122 -30.71 20.38 2.93
C ASP A 122 -29.72 21.49 3.23
N ARG A 123 -28.42 21.15 3.33
CA ARG A 123 -27.35 22.12 3.66
C ARG A 123 -26.32 22.12 2.55
N LEU A 124 -26.67 21.66 1.33
CA LEU A 124 -25.73 21.71 0.18
C LEU A 124 -25.14 23.11 0.08
N THR A 125 -25.97 24.15 -0.09
CA THR A 125 -25.51 25.54 -0.33
C THR A 125 -24.70 26.04 0.87
N GLN A 126 -25.20 25.81 2.07
CA GLN A 126 -24.55 26.32 3.30
C GLN A 126 -23.14 25.68 3.40
N SER A 127 -23.08 24.37 3.23
CA SER A 127 -21.82 23.60 3.43
C SER A 127 -20.82 23.95 2.31
N LEU A 128 -21.31 23.98 1.07
CA LEU A 128 -20.48 24.30 -0.12
C LEU A 128 -19.94 25.73 0.01
N ASN A 129 -20.74 26.69 0.44
CA ASN A 129 -20.27 28.09 0.52
C ASN A 129 -19.18 28.18 1.58
N HIS A 130 -19.31 27.45 2.70
CA HIS A 130 -18.23 27.45 3.72
C HIS A 130 -16.95 26.79 3.17
N LEU A 131 -17.11 25.79 2.34
CA LEU A 131 -16.00 25.10 1.68
C LEU A 131 -15.29 26.14 0.80
N PHE A 132 -16.04 26.83 -0.04
CA PHE A 132 -15.44 27.87 -0.91
C PHE A 132 -14.73 28.92 -0.05
N THR A 133 -15.35 29.43 1.01
CA THR A 133 -14.78 30.52 1.82
C THR A 133 -13.39 30.10 2.27
N ALA A 134 -13.27 28.84 2.72
CA ALA A 134 -12.01 28.30 3.27
C ALA A 134 -11.00 28.06 2.17
N MET A 135 -11.40 27.40 1.10
CA MET A 135 -10.46 26.77 0.16
C MET A 135 -10.07 27.78 -0.94
N ASP A 136 -10.79 28.90 -1.06
CA ASP A 136 -10.58 29.81 -2.23
C ASP A 136 -9.15 30.35 -2.20
N SER A 137 -8.56 30.57 -1.03
CA SER A 137 -7.20 31.14 -0.89
C SER A 137 -6.12 30.05 -0.98
N THR A 138 -6.50 28.76 -1.12
CA THR A 138 -5.51 27.67 -1.28
C THR A 138 -5.27 27.47 -2.79
N ASP A 139 -4.12 26.89 -3.16
CA ASP A 139 -3.83 26.62 -4.60
C ASP A 139 -3.87 25.12 -4.91
N ALA A 140 -4.48 24.32 -4.04
CA ALA A 140 -4.74 22.91 -4.36
C ALA A 140 -5.92 22.76 -5.32
N ASP A 141 -5.85 21.79 -6.25
CA ASP A 141 -7.04 21.33 -6.98
C ASP A 141 -7.98 20.67 -5.98
N VAL A 142 -9.22 21.15 -5.93
CA VAL A 142 -10.25 20.64 -4.97
C VAL A 142 -11.21 19.82 -5.77
N VAL A 143 -11.42 18.58 -5.34
CA VAL A 143 -12.41 17.69 -6.00
C VAL A 143 -13.43 17.28 -4.93
N ILE A 144 -14.65 17.73 -5.11
CA ILE A 144 -15.77 17.51 -4.17
C ILE A 144 -16.45 16.21 -4.56
N TYR A 145 -16.64 15.32 -3.60
CA TYR A 145 -17.28 14.02 -3.85
C TYR A 145 -18.70 14.05 -3.29
N CYS A 146 -19.68 13.57 -4.04
CA CYS A 146 -21.08 13.46 -3.60
C CYS A 146 -21.62 12.12 -4.10
N ARG A 147 -22.83 11.73 -3.71
CA ARG A 147 -23.41 10.45 -4.20
C ARG A 147 -24.73 10.67 -4.95
N ASP A 148 -25.37 11.83 -4.78
CA ASP A 148 -26.72 12.12 -5.32
C ASP A 148 -26.58 12.87 -6.65
N LYS A 149 -27.24 12.36 -7.72
CA LYS A 149 -27.17 12.90 -9.10
C LYS A 149 -27.58 14.38 -9.13
N GLU A 150 -28.61 14.76 -8.39
CA GLU A 150 -29.12 16.17 -8.36
C GLU A 150 -28.15 17.05 -7.57
N TRP A 151 -27.60 16.56 -6.45
CA TRP A 151 -26.51 17.30 -5.75
C TRP A 151 -25.34 17.54 -6.70
N GLU A 152 -24.95 16.55 -7.49
CA GLU A 152 -23.84 16.69 -8.46
C GLU A 152 -24.13 17.88 -9.38
N LYS A 153 -25.35 17.94 -9.91
CA LYS A 153 -25.82 19.02 -10.83
C LYS A 153 -25.69 20.37 -10.12
N LYS A 154 -26.25 20.49 -8.91
CA LYS A 154 -26.26 21.75 -8.11
C LYS A 154 -24.82 22.17 -7.81
N ILE A 155 -23.98 21.24 -7.35
CA ILE A 155 -22.57 21.56 -7.03
C ILE A 155 -21.86 22.03 -8.31
N SER A 156 -22.04 21.32 -9.42
CA SER A 156 -21.39 21.67 -10.70
C SER A 156 -21.83 23.06 -11.11
N GLU A 157 -23.13 23.35 -10.99
CA GLU A 157 -23.68 24.69 -11.35
C GLU A 157 -23.02 25.76 -10.48
N ALA A 158 -22.92 25.55 -9.16
CA ALA A 158 -22.35 26.54 -8.22
C ALA A 158 -20.89 26.75 -8.57
N ILE A 159 -20.18 25.71 -8.96
CA ILE A 159 -18.74 25.91 -9.36
C ILE A 159 -18.71 26.75 -10.65
N GLN A 160 -19.49 26.36 -11.66
CA GLN A 160 -19.45 27.01 -13.00
C GLN A 160 -19.86 28.48 -12.93
N MET A 161 -20.82 28.81 -12.05
CA MET A 161 -21.38 30.18 -11.86
C MET A 161 -20.30 31.20 -11.49
N ARG A 162 -19.18 30.76 -10.89
CA ARG A 162 -18.10 31.67 -10.39
C ARG A 162 -16.90 31.69 -11.36
N THR A 163 -16.94 30.91 -12.45
CA THR A 163 -15.84 30.80 -13.47
C THR A 163 -16.03 31.84 -14.58
N GLY B 1 0.06 5.86 -34.03
CA GLY B 1 0.25 4.38 -34.12
C GLY B 1 1.45 3.92 -33.33
N ALA B 2 1.45 2.66 -32.92
CA ALA B 2 2.64 1.95 -32.39
C ALA B 2 3.66 1.87 -33.52
N MET B 3 4.96 1.90 -33.22
CA MET B 3 6.02 1.92 -34.28
C MET B 3 5.90 0.66 -35.12
N ALA B 4 5.57 -0.47 -34.49
CA ALA B 4 5.41 -1.79 -35.12
C ALA B 4 4.17 -2.45 -34.48
N PRO B 5 2.96 -2.07 -34.94
CA PRO B 5 1.74 -2.53 -34.28
C PRO B 5 1.86 -4.03 -33.95
N SER B 6 1.54 -4.41 -32.72
CA SER B 6 1.61 -5.80 -32.23
C SER B 6 0.29 -6.17 -31.52
N TYR B 7 0.13 -7.46 -31.35
CA TYR B 7 -0.74 -8.10 -30.34
C TYR B 7 0.12 -8.79 -29.26
N ARG B 8 -0.29 -8.57 -28.00
CA ARG B 8 0.34 -9.16 -26.78
C ARG B 8 -0.78 -9.56 -25.82
N VAL B 9 -0.56 -10.61 -25.04
CA VAL B 9 -1.51 -11.10 -24.01
C VAL B 9 -0.84 -10.96 -22.64
N LYS B 10 -1.63 -10.65 -21.60
CA LYS B 10 -1.18 -10.67 -20.19
C LYS B 10 -2.26 -11.41 -19.39
N ARG B 11 -1.87 -12.33 -18.50
CA ARG B 11 -2.84 -12.93 -17.55
C ARG B 11 -2.83 -12.07 -16.30
N MET B 12 -3.67 -11.03 -16.23
CA MET B 12 -3.79 -10.16 -15.03
C MET B 12 -5.05 -9.31 -15.17
N ASP B 13 -5.42 -8.69 -14.05
CA ASP B 13 -6.49 -7.69 -13.86
C ASP B 13 -6.26 -6.53 -14.82
N ILE B 14 -7.22 -6.37 -15.72
CA ILE B 14 -7.20 -5.33 -16.80
C ILE B 14 -7.30 -3.94 -16.13
N ALA B 15 -7.75 -3.85 -14.87
CA ALA B 15 -7.76 -2.55 -14.15
C ALA B 15 -6.31 -2.03 -13.91
N LYS B 16 -5.32 -2.89 -14.00
CA LYS B 16 -3.89 -2.53 -13.77
C LYS B 16 -3.16 -2.34 -15.11
N ASN B 17 -3.89 -2.15 -16.21
CA ASN B 17 -3.28 -2.09 -17.56
C ASN B 17 -2.33 -0.90 -17.69
N ASP B 18 -1.27 -1.04 -18.49
CA ASP B 18 -0.30 0.05 -18.80
C ASP B 18 -0.53 0.55 -20.24
N GLU B 19 -1.78 0.51 -20.72
CA GLU B 19 -2.11 1.02 -22.08
C GLU B 19 -2.79 2.35 -21.97
N GLU B 20 -3.00 2.99 -23.11
CA GLU B 20 -3.49 4.38 -23.20
C GLU B 20 -5.01 4.38 -23.10
N CYS B 21 -5.64 3.19 -23.12
CA CYS B 21 -7.09 3.08 -22.89
C CYS B 21 -7.43 1.61 -22.61
N VAL B 22 -8.65 1.43 -22.08
CA VAL B 22 -9.18 0.12 -21.65
C VAL B 22 -10.51 -0.11 -22.35
N VAL B 23 -10.73 -1.36 -22.71
CA VAL B 23 -12.07 -1.84 -23.16
C VAL B 23 -12.69 -2.60 -21.98
N ASN B 24 -13.83 -2.12 -21.53
CA ASN B 24 -14.68 -2.80 -20.53
C ASN B 24 -15.58 -3.82 -21.25
N ALA B 25 -15.70 -5.01 -20.72
CA ALA B 25 -16.71 -6.00 -21.16
C ALA B 25 -18.01 -5.61 -20.45
N ALA B 26 -18.71 -4.65 -21.01
CA ALA B 26 -19.81 -3.91 -20.36
C ALA B 26 -21.12 -4.69 -20.47
N ASN B 27 -22.06 -4.36 -19.57
CA ASN B 27 -23.48 -4.69 -19.79
C ASN B 27 -24.17 -3.49 -20.41
N PRO B 28 -25.34 -3.67 -21.03
CA PRO B 28 -26.02 -2.60 -21.77
C PRO B 28 -26.47 -1.42 -20.91
N ARG B 29 -26.60 -1.63 -19.60
CA ARG B 29 -27.29 -0.67 -18.71
C ARG B 29 -26.27 0.17 -17.97
N GLY B 30 -24.98 -0.12 -18.15
CA GLY B 30 -23.93 0.61 -17.41
C GLY B 30 -23.92 0.28 -15.94
N LEU B 31 -24.20 -0.98 -15.58
CA LEU B 31 -24.19 -1.46 -14.18
C LEU B 31 -22.84 -2.10 -13.91
N PRO B 32 -22.43 -2.22 -12.63
CA PRO B 32 -21.14 -2.82 -12.25
C PRO B 32 -20.72 -4.24 -12.69
N GLY B 33 -21.65 -5.17 -12.81
CA GLY B 33 -21.38 -6.46 -13.48
C GLY B 33 -20.37 -7.34 -12.77
N ASP B 34 -19.85 -8.35 -13.49
CA ASP B 34 -18.89 -9.37 -12.97
C ASP B 34 -17.57 -9.28 -13.73
N GLY B 35 -16.59 -10.11 -13.31
CA GLY B 35 -15.31 -10.28 -14.02
C GLY B 35 -14.67 -8.95 -14.33
N VAL B 36 -14.26 -8.78 -15.59
CA VAL B 36 -13.68 -7.50 -16.10
C VAL B 36 -14.49 -6.28 -15.65
N CYS B 37 -15.82 -6.27 -15.82
CA CYS B 37 -16.65 -5.09 -15.56
C CYS B 37 -16.55 -4.70 -14.09
N LYS B 38 -16.53 -5.71 -13.22
CA LYS B 38 -16.43 -5.47 -11.75
C LYS B 38 -15.07 -4.78 -11.49
N ALA B 39 -14.00 -5.30 -12.08
CA ALA B 39 -12.62 -4.77 -11.93
C ALA B 39 -12.57 -3.35 -12.49
N VAL B 40 -13.27 -3.08 -13.59
CA VAL B 40 -13.30 -1.72 -14.21
C VAL B 40 -14.14 -0.76 -13.37
N TYR B 41 -15.27 -1.20 -12.81
CA TYR B 41 -16.11 -0.31 -11.97
C TYR B 41 -15.36 0.09 -10.69
N LYS B 42 -14.47 -0.78 -10.21
CA LYS B 42 -13.72 -0.60 -8.93
C LYS B 42 -12.75 0.57 -9.07
N LYS B 43 -11.84 0.51 -10.06
CA LYS B 43 -10.78 1.54 -10.29
C LYS B 43 -11.38 2.76 -10.99
N TRP B 44 -12.08 2.54 -12.10
CA TRP B 44 -12.66 3.62 -12.95
C TRP B 44 -14.18 3.67 -12.78
N PRO B 45 -14.74 3.78 -11.55
CA PRO B 45 -16.18 3.87 -11.37
C PRO B 45 -16.87 5.00 -12.13
N GLU B 46 -16.30 6.20 -12.17
CA GLU B 46 -16.99 7.35 -12.84
C GLU B 46 -16.88 7.21 -14.37
N SER B 47 -16.29 6.14 -14.89
CA SER B 47 -16.44 5.79 -16.34
C SER B 47 -17.85 5.28 -16.64
N PHE B 48 -18.72 5.05 -15.63
CA PHE B 48 -20.08 4.49 -15.81
C PHE B 48 -21.14 5.57 -15.87
N LYS B 49 -20.79 6.86 -15.73
CA LYS B 49 -21.77 7.91 -15.98
C LYS B 49 -22.20 7.88 -17.44
N ASN B 50 -23.46 7.56 -17.65
CA ASN B 50 -24.16 7.57 -18.96
C ASN B 50 -23.46 6.57 -19.89
N SER B 51 -22.96 5.47 -19.36
CA SER B 51 -22.25 4.43 -20.15
C SER B 51 -23.23 3.43 -20.81
N ALA B 52 -24.52 3.41 -20.44
CA ALA B 52 -25.54 2.51 -21.04
C ALA B 52 -25.54 2.66 -22.57
N THR B 53 -25.51 1.53 -23.28
CA THR B 53 -25.40 1.47 -24.75
C THR B 53 -25.87 0.07 -25.17
N PRO B 54 -26.45 -0.07 -26.36
CA PRO B 54 -27.00 -1.33 -26.82
C PRO B 54 -25.94 -2.40 -27.08
N VAL B 55 -26.43 -3.63 -27.11
CA VAL B 55 -25.59 -4.80 -27.45
C VAL B 55 -25.05 -4.55 -28.85
N GLY B 56 -23.78 -4.89 -29.05
CA GLY B 56 -23.13 -4.76 -30.35
C GLY B 56 -22.56 -3.37 -30.56
N THR B 57 -22.55 -2.53 -29.54
CA THR B 57 -21.98 -1.16 -29.60
C THR B 57 -20.92 -0.93 -28.56
N ALA B 58 -20.19 0.16 -28.75
CA ALA B 58 -19.19 0.63 -27.78
C ALA B 58 -19.45 2.11 -27.52
N LYS B 59 -19.38 2.50 -26.26
CA LYS B 59 -19.59 3.90 -25.78
C LYS B 59 -18.38 4.28 -24.92
N THR B 60 -17.64 5.34 -25.28
CA THR B 60 -16.42 5.72 -24.54
C THR B 60 -16.80 6.81 -23.56
N VAL B 61 -16.36 6.64 -22.33
CA VAL B 61 -16.50 7.68 -21.29
C VAL B 61 -15.11 8.02 -20.82
N MET B 62 -14.77 9.30 -20.80
CA MET B 62 -13.45 9.80 -20.34
C MET B 62 -13.43 9.87 -18.81
N CYS B 63 -12.36 9.33 -18.22
CA CYS B 63 -11.98 9.52 -16.79
C CYS B 63 -10.79 10.47 -16.70
N GLY B 64 -10.98 11.72 -17.13
CA GLY B 64 -9.89 12.69 -17.33
C GLY B 64 -9.15 12.41 -18.61
N THR B 65 -8.01 11.71 -18.52
CA THR B 65 -7.12 11.40 -19.67
C THR B 65 -7.03 9.88 -19.92
N TYR B 66 -7.86 9.05 -19.25
CA TYR B 66 -7.96 7.60 -19.53
C TYR B 66 -9.33 7.29 -20.15
N PRO B 67 -9.43 7.05 -21.50
CA PRO B 67 -10.66 6.55 -22.11
C PRO B 67 -10.98 5.12 -21.70
N VAL B 68 -12.24 4.96 -21.30
CA VAL B 68 -12.85 3.64 -20.97
C VAL B 68 -13.86 3.39 -22.07
N ILE B 69 -13.59 2.34 -22.85
CA ILE B 69 -14.45 1.97 -23.99
C ILE B 69 -15.39 0.84 -23.52
N HIS B 70 -16.61 1.19 -23.27
CA HIS B 70 -17.62 0.19 -22.81
C HIS B 70 -18.14 -0.54 -24.04
N ALA B 71 -17.71 -1.78 -24.21
CA ALA B 71 -18.12 -2.63 -25.34
C ALA B 71 -19.12 -3.69 -24.87
N VAL B 72 -20.29 -3.70 -25.46
CA VAL B 72 -21.37 -4.60 -25.00
C VAL B 72 -21.45 -5.81 -25.94
N GLY B 73 -20.83 -6.90 -25.56
CA GLY B 73 -21.04 -8.19 -26.24
C GLY B 73 -22.37 -8.80 -25.83
N PRO B 74 -22.89 -9.70 -26.69
CA PRO B 74 -24.18 -10.33 -26.46
C PRO B 74 -24.02 -11.32 -25.31
N ASN B 75 -25.12 -11.51 -24.59
CA ASN B 75 -25.28 -12.62 -23.62
C ASN B 75 -25.84 -13.82 -24.40
N PHE B 76 -25.03 -14.82 -24.63
CA PHE B 76 -25.41 -16.05 -25.36
C PHE B 76 -26.46 -16.87 -24.57
N SER B 77 -26.76 -16.55 -23.31
CA SER B 77 -27.96 -17.12 -22.62
C SER B 77 -29.23 -16.58 -23.31
N ASN B 78 -29.18 -15.41 -23.93
CA ASN B 78 -30.37 -14.71 -24.47
C ASN B 78 -30.38 -14.74 -25.99
N TYR B 79 -29.21 -14.62 -26.64
CA TYR B 79 -29.08 -14.60 -28.12
C TYR B 79 -28.89 -16.05 -28.62
N THR B 80 -29.38 -16.31 -29.81
CA THR B 80 -29.06 -17.52 -30.58
C THR B 80 -27.58 -17.46 -30.94
N GLU B 81 -27.01 -18.59 -31.28
CA GLU B 81 -25.62 -18.66 -31.83
C GLU B 81 -25.51 -17.71 -33.04
N SER B 82 -26.50 -17.70 -33.94
CA SER B 82 -26.41 -16.89 -35.17
C SER B 82 -26.45 -15.40 -34.81
N GLU B 83 -27.42 -14.99 -34.00
CA GLU B 83 -27.60 -13.54 -33.74
C GLU B 83 -26.48 -13.05 -32.82
N GLY B 84 -26.07 -13.88 -31.88
CA GLY B 84 -24.97 -13.59 -30.95
C GLY B 84 -23.69 -13.38 -31.75
N ASP B 85 -23.45 -14.26 -32.72
CA ASP B 85 -22.16 -14.19 -33.46
C ASP B 85 -22.06 -12.84 -34.15
N ARG B 86 -23.19 -12.36 -34.68
CA ARG B 86 -23.28 -11.07 -35.41
C ARG B 86 -23.01 -9.92 -34.42
N GLU B 87 -23.67 -9.95 -33.26
CA GLU B 87 -23.52 -8.86 -32.26
C GLU B 87 -22.10 -8.87 -31.71
N LEU B 88 -21.50 -10.02 -31.52
CA LEU B 88 -20.13 -10.11 -30.97
C LEU B 88 -19.15 -9.47 -31.99
N ALA B 89 -19.26 -9.81 -33.25
CA ALA B 89 -18.46 -9.17 -34.32
C ALA B 89 -18.69 -7.65 -34.32
N ALA B 90 -19.93 -7.20 -34.19
CA ALA B 90 -20.31 -5.77 -34.22
C ALA B 90 -19.64 -5.03 -33.06
N ALA B 91 -19.68 -5.59 -31.85
CA ALA B 91 -19.10 -4.92 -30.66
C ALA B 91 -17.64 -4.67 -30.98
N TYR B 92 -16.93 -5.68 -31.48
CA TYR B 92 -15.49 -5.48 -31.70
C TYR B 92 -15.27 -4.46 -32.82
N ARG B 93 -16.08 -4.45 -33.89
CA ARG B 93 -15.91 -3.44 -34.94
C ARG B 93 -16.05 -2.03 -34.35
N GLU B 94 -16.99 -1.83 -33.40
N GLU B 94 -16.96 -1.85 -33.39
CA GLU B 94 -17.18 -0.50 -32.75
CA GLU B 94 -17.17 -0.52 -32.75
C GLU B 94 -15.96 -0.18 -31.86
C GLU B 94 -15.98 -0.19 -31.85
N VAL B 95 -15.37 -1.19 -31.20
CA VAL B 95 -14.13 -0.98 -30.43
C VAL B 95 -13.03 -0.45 -31.39
N ALA B 96 -12.83 -1.08 -32.52
CA ALA B 96 -11.81 -0.66 -33.51
C ALA B 96 -12.01 0.80 -33.92
N LYS B 97 -13.26 1.18 -34.21
CA LYS B 97 -13.62 2.57 -34.60
C LYS B 97 -13.28 3.53 -33.45
N GLU B 98 -13.57 3.16 -32.19
CA GLU B 98 -13.30 4.03 -31.04
C GLU B 98 -11.78 4.17 -30.83
N VAL B 99 -11.05 3.08 -30.89
CA VAL B 99 -9.59 3.08 -30.70
C VAL B 99 -8.98 4.00 -31.76
N THR B 100 -9.50 3.96 -32.96
CA THR B 100 -9.00 4.79 -34.10
C THR B 100 -9.32 6.25 -33.79
N ARG B 101 -10.56 6.53 -33.43
CA ARG B 101 -11.01 7.91 -33.13
C ARG B 101 -10.17 8.56 -32.03
N LEU B 102 -9.87 7.81 -30.98
CA LEU B 102 -9.18 8.29 -29.77
C LEU B 102 -7.72 8.62 -30.12
N GLY B 103 -7.15 7.99 -31.14
CA GLY B 103 -5.74 8.23 -31.54
C GLY B 103 -4.74 7.62 -30.58
N VAL B 104 -5.14 6.63 -29.76
CA VAL B 104 -4.23 5.96 -28.82
C VAL B 104 -3.25 5.13 -29.63
N ASN B 105 -2.10 4.84 -29.04
CA ASN B 105 -1.06 3.96 -29.60
C ASN B 105 -1.15 2.60 -28.93
N SER B 106 -2.04 2.45 -27.95
CA SER B 106 -2.19 1.16 -27.25
C SER B 106 -3.61 1.05 -26.65
N VAL B 107 -4.02 -0.20 -26.44
CA VAL B 107 -5.35 -0.55 -25.86
C VAL B 107 -5.25 -1.91 -25.17
N ALA B 108 -5.85 -1.96 -23.97
CA ALA B 108 -6.06 -3.17 -23.15
C ALA B 108 -7.49 -3.65 -23.47
N ILE B 109 -7.62 -4.89 -23.91
N ILE B 109 -7.59 -4.90 -23.93
CA ILE B 109 -8.92 -5.44 -24.36
CA ILE B 109 -8.85 -5.52 -24.44
C ILE B 109 -9.10 -6.85 -23.78
C ILE B 109 -9.07 -6.84 -23.72
N PRO B 110 -10.30 -7.14 -23.22
CA PRO B 110 -10.63 -8.49 -22.76
C PRO B 110 -11.33 -9.25 -23.89
N LEU B 111 -11.52 -10.56 -23.73
CA LEU B 111 -12.30 -11.35 -24.72
C LEU B 111 -13.80 -11.22 -24.39
N LEU B 112 -14.52 -10.44 -25.17
CA LEU B 112 -15.96 -10.20 -25.00
C LEU B 112 -16.74 -11.53 -25.08
N SER B 113 -17.77 -11.62 -24.26
CA SER B 113 -18.75 -12.73 -24.24
C SER B 113 -18.12 -14.08 -23.84
N THR B 114 -16.99 -14.08 -23.13
CA THR B 114 -16.30 -15.33 -22.76
C THR B 114 -16.54 -15.69 -21.28
N GLY B 115 -17.13 -14.81 -20.49
CA GLY B 115 -17.37 -15.05 -19.05
C GLY B 115 -18.84 -15.37 -18.81
N VAL B 116 -19.51 -14.60 -17.96
CA VAL B 116 -20.94 -14.86 -17.64
C VAL B 116 -21.84 -14.61 -18.86
N TYR B 117 -21.36 -14.01 -19.96
CA TYR B 117 -22.17 -13.90 -21.21
C TYR B 117 -21.94 -15.08 -22.18
N SER B 118 -21.10 -16.08 -21.86
CA SER B 118 -20.74 -17.20 -22.77
C SER B 118 -21.87 -18.23 -22.96
N GLY B 119 -22.90 -18.22 -22.11
CA GLY B 119 -23.97 -19.21 -22.16
C GLY B 119 -23.41 -20.58 -21.84
N GLY B 120 -22.38 -20.63 -21.00
CA GLY B 120 -21.67 -21.85 -20.59
C GLY B 120 -20.85 -22.55 -21.64
N LYS B 121 -20.50 -21.86 -22.74
CA LYS B 121 -19.66 -22.43 -23.83
C LYS B 121 -18.27 -21.81 -23.79
N ASP B 122 -17.26 -22.57 -24.23
CA ASP B 122 -15.87 -22.08 -24.40
C ASP B 122 -15.83 -21.23 -25.68
N ARG B 123 -15.65 -19.91 -25.57
CA ARG B 123 -15.78 -18.99 -26.74
C ARG B 123 -14.44 -18.30 -27.01
N LEU B 124 -13.34 -18.84 -26.50
CA LEU B 124 -12.02 -18.17 -26.67
C LEU B 124 -11.76 -17.97 -28.16
N THR B 125 -11.82 -19.04 -28.96
CA THR B 125 -11.52 -18.97 -30.42
C THR B 125 -12.49 -18.00 -31.11
N GLN B 126 -13.78 -18.14 -30.86
CA GLN B 126 -14.82 -17.30 -31.48
C GLN B 126 -14.52 -15.83 -31.16
N SER B 127 -14.32 -15.51 -29.89
CA SER B 127 -14.18 -14.11 -29.44
C SER B 127 -12.85 -13.57 -29.99
N LEU B 128 -11.79 -14.36 -29.93
CA LEU B 128 -10.47 -13.90 -30.40
C LEU B 128 -10.54 -13.66 -31.91
N ASN B 129 -11.25 -14.50 -32.65
CA ASN B 129 -11.37 -14.36 -34.13
C ASN B 129 -12.04 -13.02 -34.45
N HIS B 130 -13.11 -12.66 -33.74
CA HIS B 130 -13.81 -11.38 -33.96
C HIS B 130 -12.92 -10.19 -33.52
N LEU B 131 -12.12 -10.35 -32.48
CA LEU B 131 -11.17 -9.34 -31.98
C LEU B 131 -10.18 -9.05 -33.11
N PHE B 132 -9.52 -10.09 -33.63
CA PHE B 132 -8.59 -9.95 -34.77
C PHE B 132 -9.29 -9.31 -35.96
N THR B 133 -10.45 -9.81 -36.39
CA THR B 133 -11.15 -9.28 -37.58
C THR B 133 -11.28 -7.76 -37.49
N ALA B 134 -11.64 -7.25 -36.32
CA ALA B 134 -11.85 -5.81 -36.09
C ALA B 134 -10.51 -5.10 -35.95
N MET B 135 -9.58 -5.63 -35.16
CA MET B 135 -8.44 -4.81 -34.70
C MET B 135 -7.29 -4.93 -35.73
N ASP B 136 -7.32 -5.89 -36.66
CA ASP B 136 -6.15 -6.15 -37.54
C ASP B 136 -5.81 -4.88 -38.33
N SER B 137 -6.82 -4.11 -38.75
CA SER B 137 -6.61 -2.91 -39.61
C SER B 137 -6.26 -1.69 -38.77
N THR B 138 -6.21 -1.76 -37.44
CA THR B 138 -5.82 -0.61 -36.59
C THR B 138 -4.32 -0.68 -36.34
N ASP B 139 -3.69 0.45 -35.96
CA ASP B 139 -2.23 0.44 -35.72
C ASP B 139 -1.91 0.58 -34.25
N ALA B 140 -2.90 0.46 -33.36
CA ALA B 140 -2.61 0.47 -31.90
C ALA B 140 -1.94 -0.85 -31.49
N ASP B 141 -1.02 -0.77 -30.53
CA ASP B 141 -0.59 -1.95 -29.76
C ASP B 141 -1.83 -2.44 -28.99
N VAL B 142 -2.20 -3.69 -29.24
CA VAL B 142 -3.32 -4.38 -28.55
C VAL B 142 -2.74 -5.36 -27.53
N VAL B 143 -3.21 -5.19 -26.30
CA VAL B 143 -2.85 -6.07 -25.16
C VAL B 143 -4.15 -6.72 -24.66
N ILE B 144 -4.21 -8.02 -24.86
CA ILE B 144 -5.36 -8.89 -24.50
C ILE B 144 -5.14 -9.36 -23.07
N TYR B 145 -6.03 -8.91 -22.17
CA TYR B 145 -6.08 -9.21 -20.71
C TYR B 145 -7.06 -10.36 -20.48
N CYS B 146 -6.59 -11.46 -19.87
CA CYS B 146 -7.32 -12.75 -19.86
C CYS B 146 -7.32 -13.36 -18.45
N ARG B 147 -7.93 -14.55 -18.35
CA ARG B 147 -8.54 -15.10 -17.11
C ARG B 147 -7.56 -16.07 -16.41
N ASP B 148 -6.83 -16.88 -17.18
CA ASP B 148 -5.94 -17.94 -16.60
C ASP B 148 -4.85 -18.34 -17.62
N LYS B 149 -3.95 -19.22 -17.19
CA LYS B 149 -2.74 -19.68 -17.95
C LYS B 149 -3.14 -20.53 -19.16
N GLU B 150 -4.17 -21.37 -18.99
CA GLU B 150 -4.73 -22.23 -20.07
C GLU B 150 -5.12 -21.33 -21.27
N TRP B 151 -5.87 -20.28 -20.98
CA TRP B 151 -6.33 -19.30 -22.01
C TRP B 151 -5.15 -18.45 -22.50
N GLU B 152 -4.31 -17.95 -21.60
CA GLU B 152 -3.06 -17.21 -21.94
C GLU B 152 -2.27 -17.98 -23.00
N LYS B 153 -2.02 -19.27 -22.76
CA LYS B 153 -1.29 -20.17 -23.67
C LYS B 153 -1.97 -20.18 -25.05
N LYS B 154 -3.28 -20.45 -25.10
CA LYS B 154 -4.03 -20.60 -26.38
C LYS B 154 -4.06 -19.26 -27.14
N ILE B 155 -4.23 -18.15 -26.44
CA ILE B 155 -4.27 -16.79 -27.06
C ILE B 155 -2.88 -16.46 -27.58
N SER B 156 -1.87 -16.70 -26.76
CA SER B 156 -0.46 -16.45 -27.11
C SER B 156 -0.13 -17.27 -28.35
N GLU B 157 -0.56 -18.53 -28.38
CA GLU B 157 -0.32 -19.44 -29.53
C GLU B 157 -1.00 -18.89 -30.78
N ALA B 158 -2.25 -18.47 -30.66
CA ALA B 158 -3.00 -17.90 -31.80
C ALA B 158 -2.24 -16.67 -32.32
N ILE B 159 -1.71 -15.81 -31.45
CA ILE B 159 -1.00 -14.55 -31.91
C ILE B 159 0.24 -14.94 -32.71
N GLN B 160 1.08 -15.80 -32.15
CA GLN B 160 2.41 -16.15 -32.71
C GLN B 160 2.24 -16.93 -34.01
N MET B 161 1.14 -17.68 -34.16
CA MET B 161 0.86 -18.50 -35.36
C MET B 161 0.64 -17.67 -36.63
N ARG B 162 0.31 -16.38 -36.51
CA ARG B 162 -0.04 -15.53 -37.68
C ARG B 162 1.17 -14.73 -38.19
N THR B 163 2.27 -14.73 -37.44
CA THR B 163 3.46 -13.85 -37.60
C THR B 163 4.66 -14.68 -38.10
N GLY C 1 22.90 -12.75 9.56
CA GLY C 1 22.78 -11.27 9.88
C GLY C 1 24.12 -10.56 9.79
N ALA C 2 24.12 -9.31 9.32
CA ALA C 2 25.31 -8.43 9.42
C ALA C 2 25.51 -8.18 10.91
N MET C 3 26.75 -8.06 11.36
CA MET C 3 27.06 -7.89 12.82
C MET C 3 26.54 -6.54 13.31
N ALA C 4 26.47 -5.52 12.45
CA ALA C 4 25.92 -4.20 12.80
C ALA C 4 25.11 -3.72 11.60
N PRO C 5 23.88 -4.27 11.40
CA PRO C 5 23.11 -3.98 10.19
C PRO C 5 23.10 -2.48 9.90
N SER C 6 23.36 -2.08 8.65
CA SER C 6 23.44 -0.66 8.23
C SER C 6 22.62 -0.42 6.98
N TYR C 7 22.45 0.86 6.69
CA TYR C 7 22.03 1.38 5.39
C TYR C 7 23.18 2.16 4.77
N ARG C 8 23.36 2.01 3.47
CA ARG C 8 24.33 2.83 2.70
C ARG C 8 23.66 3.19 1.40
N VAL C 9 24.15 4.22 0.74
CA VAL C 9 23.70 4.55 -0.62
C VAL C 9 24.92 4.64 -1.52
N LYS C 10 24.74 4.17 -2.75
CA LYS C 10 25.78 4.24 -3.79
C LYS C 10 25.17 4.79 -5.08
N ARG C 11 25.87 5.76 -5.69
CA ARG C 11 25.54 6.28 -7.05
C ARG C 11 26.29 5.41 -8.06
N MET C 12 25.66 4.36 -8.56
CA MET C 12 26.33 3.25 -9.26
C MET C 12 25.29 2.32 -9.88
N ASP C 13 25.64 1.67 -10.99
CA ASP C 13 24.82 0.65 -11.69
C ASP C 13 24.58 -0.52 -10.72
N ILE C 14 23.32 -0.80 -10.42
CA ILE C 14 22.97 -1.86 -9.44
C ILE C 14 23.41 -3.19 -10.04
N ALA C 15 23.62 -3.24 -11.35
CA ALA C 15 24.01 -4.48 -12.04
C ALA C 15 25.46 -4.83 -11.68
N LYS C 16 26.19 -3.89 -11.07
N LYS C 16 26.21 -3.90 -11.08
CA LYS C 16 27.60 -4.04 -10.63
CA LYS C 16 27.61 -4.12 -10.63
C LYS C 16 27.69 -4.04 -9.10
C LYS C 16 27.69 -4.04 -9.10
N ASN C 17 26.60 -4.37 -8.40
CA ASN C 17 26.58 -4.32 -6.93
C ASN C 17 27.59 -5.30 -6.29
N ASP C 18 27.93 -5.02 -5.05
CA ASP C 18 28.85 -5.79 -4.19
C ASP C 18 28.09 -6.50 -3.06
N GLU C 19 26.81 -6.80 -3.24
CA GLU C 19 26.01 -7.48 -2.20
C GLU C 19 25.65 -8.92 -2.58
N GLU C 20 25.07 -9.63 -1.62
CA GLU C 20 24.77 -11.10 -1.75
C GLU C 20 23.52 -11.37 -2.57
N CYS C 21 22.71 -10.36 -2.82
CA CYS C 21 21.54 -10.46 -3.71
C CYS C 21 21.12 -9.09 -4.20
N VAL C 22 20.24 -9.06 -5.18
CA VAL C 22 19.79 -7.80 -5.81
C VAL C 22 18.26 -7.79 -5.86
N VAL C 23 17.72 -6.60 -5.69
CA VAL C 23 16.29 -6.33 -5.91
C VAL C 23 16.16 -5.71 -7.27
N ASN C 24 15.36 -6.33 -8.13
CA ASN C 24 15.03 -5.82 -9.46
C ASN C 24 13.75 -4.97 -9.33
N ALA C 25 13.72 -3.80 -9.94
CA ALA C 25 12.50 -2.97 -10.08
C ALA C 25 11.73 -3.53 -11.29
N ALA C 26 11.04 -4.60 -11.03
CA ALA C 26 10.47 -5.55 -12.01
C ALA C 26 9.11 -5.02 -12.50
N ASN C 27 8.64 -5.58 -13.61
CA ASN C 27 7.29 -5.31 -14.15
C ASN C 27 6.52 -6.60 -13.91
N PRO C 28 5.18 -6.55 -13.82
CA PRO C 28 4.44 -7.77 -13.50
C PRO C 28 4.54 -8.96 -14.48
N ARG C 29 4.98 -8.75 -15.72
CA ARG C 29 5.02 -9.84 -16.73
C ARG C 29 6.45 -10.35 -16.93
N GLY C 30 7.41 -9.90 -16.11
CA GLY C 30 8.73 -10.52 -16.03
C GLY C 30 9.52 -10.30 -17.31
N LEU C 31 9.27 -9.14 -17.94
CA LEU C 31 9.93 -8.64 -19.17
C LEU C 31 11.19 -7.84 -18.86
N PRO C 32 12.17 -7.86 -19.79
CA PRO C 32 13.34 -6.99 -19.72
C PRO C 32 13.06 -5.55 -19.24
N GLY C 33 11.94 -4.96 -19.64
CA GLY C 33 11.52 -3.62 -19.17
C GLY C 33 12.55 -2.56 -19.53
N ASP C 34 12.69 -1.53 -18.71
CA ASP C 34 13.64 -0.39 -18.90
C ASP C 34 14.29 -0.04 -17.57
N GLY C 35 15.24 0.90 -17.61
CA GLY C 35 15.98 1.36 -16.42
C GLY C 35 16.67 0.21 -15.70
N VAL C 36 16.54 0.14 -14.38
CA VAL C 36 17.27 -0.89 -13.57
C VAL C 36 16.88 -2.26 -14.11
N CYS C 37 15.60 -2.48 -14.46
CA CYS C 37 15.05 -3.77 -14.94
C CYS C 37 15.82 -4.25 -16.20
N LYS C 38 16.17 -3.36 -17.12
CA LYS C 38 16.95 -3.69 -18.36
C LYS C 38 18.39 -4.07 -17.97
N ALA C 39 19.08 -3.25 -17.17
CA ALA C 39 20.43 -3.53 -16.64
C ALA C 39 20.46 -4.90 -15.95
N VAL C 40 19.42 -5.20 -15.16
CA VAL C 40 19.28 -6.46 -14.40
C VAL C 40 19.10 -7.58 -15.41
N TYR C 41 18.26 -7.37 -16.42
CA TYR C 41 18.00 -8.39 -17.46
C TYR C 41 19.31 -8.69 -18.19
N LYS C 42 20.14 -7.70 -18.47
CA LYS C 42 21.42 -7.91 -19.19
C LYS C 42 22.41 -8.67 -18.29
N LYS C 43 22.44 -8.36 -16.98
CA LYS C 43 23.37 -9.05 -16.03
C LYS C 43 22.90 -10.45 -15.68
N TRP C 44 21.60 -10.65 -15.43
CA TRP C 44 21.09 -11.92 -14.86
C TRP C 44 19.90 -12.41 -15.68
N PRO C 45 20.05 -12.61 -17.00
CA PRO C 45 18.91 -12.97 -17.84
C PRO C 45 18.18 -14.22 -17.30
N GLU C 46 18.93 -15.20 -16.80
CA GLU C 46 18.36 -16.49 -16.31
C GLU C 46 17.40 -16.29 -15.13
N SER C 47 17.52 -15.18 -14.39
CA SER C 47 16.62 -14.85 -13.25
C SER C 47 15.22 -14.50 -13.74
N PHE C 48 15.05 -14.26 -15.05
CA PHE C 48 13.76 -13.83 -15.67
C PHE C 48 12.87 -15.02 -16.09
N LYS C 49 13.37 -16.24 -15.85
CA LYS C 49 12.63 -17.51 -16.05
C LYS C 49 11.50 -17.56 -15.01
N ASN C 50 10.26 -17.33 -15.46
CA ASN C 50 9.03 -17.44 -14.62
C ASN C 50 9.11 -16.41 -13.48
N SER C 51 9.61 -15.21 -13.78
CA SER C 51 9.80 -14.11 -12.82
C SER C 51 8.50 -13.31 -12.68
N ALA C 52 7.53 -13.51 -13.58
CA ALA C 52 6.22 -12.81 -13.55
C ALA C 52 5.65 -12.87 -12.14
N THR C 53 5.24 -11.73 -11.59
CA THR C 53 4.61 -11.64 -10.24
C THR C 53 3.80 -10.34 -10.18
N PRO C 54 2.70 -10.31 -9.40
CA PRO C 54 1.77 -9.19 -9.43
C PRO C 54 2.31 -7.93 -8.74
N VAL C 55 1.77 -6.78 -9.15
CA VAL C 55 1.99 -5.49 -8.43
C VAL C 55 1.85 -5.75 -6.93
N GLY C 56 2.76 -5.17 -6.13
CA GLY C 56 2.75 -5.29 -4.66
C GLY C 56 3.39 -6.54 -4.11
N THR C 57 4.01 -7.35 -4.96
CA THR C 57 4.63 -8.64 -4.55
C THR C 57 6.11 -8.63 -4.93
N ALA C 58 6.84 -9.62 -4.41
CA ALA C 58 8.22 -9.90 -4.86
C ALA C 58 8.39 -11.40 -5.07
N LYS C 59 9.16 -11.77 -6.08
CA LYS C 59 9.43 -13.20 -6.38
C LYS C 59 10.92 -13.34 -6.64
N THR C 60 11.57 -14.24 -5.92
CA THR C 60 13.01 -14.49 -6.10
C THR C 60 13.22 -15.59 -7.15
N VAL C 61 14.06 -15.29 -8.13
CA VAL C 61 14.62 -16.30 -9.07
C VAL C 61 16.16 -16.26 -9.04
N MET C 62 16.77 -17.44 -8.93
CA MET C 62 18.24 -17.59 -8.89
C MET C 62 18.81 -17.40 -10.28
N CYS C 63 19.91 -16.70 -10.40
CA CYS C 63 20.77 -16.72 -11.59
C CYS C 63 22.05 -17.43 -11.14
N GLY C 64 22.19 -18.71 -11.50
CA GLY C 64 23.15 -19.60 -10.82
C GLY C 64 22.76 -19.79 -9.37
N THR C 65 23.55 -19.30 -8.40
CA THR C 65 23.17 -19.24 -6.97
C THR C 65 22.91 -17.78 -6.51
N TYR C 66 22.96 -16.81 -7.41
CA TYR C 66 22.83 -15.38 -7.06
C TYR C 66 21.35 -14.99 -7.10
N PRO C 67 20.73 -14.70 -5.93
CA PRO C 67 19.30 -14.40 -5.88
C PRO C 67 19.00 -13.02 -6.49
N VAL C 68 18.02 -13.03 -7.40
CA VAL C 68 17.40 -11.82 -7.95
C VAL C 68 15.97 -11.73 -7.44
N ILE C 69 15.67 -10.69 -6.63
CA ILE C 69 14.35 -10.53 -5.97
C ILE C 69 13.57 -9.57 -6.86
N HIS C 70 12.63 -10.10 -7.67
CA HIS C 70 11.87 -9.26 -8.61
C HIS C 70 10.72 -8.61 -7.83
N ALA C 71 10.82 -7.30 -7.60
CA ALA C 71 9.86 -6.57 -6.75
C ALA C 71 9.05 -5.65 -7.65
N VAL C 72 7.73 -5.86 -7.64
CA VAL C 72 6.85 -5.07 -8.54
C VAL C 72 6.15 -3.97 -7.72
N GLY C 73 6.68 -2.78 -7.81
CA GLY C 73 6.03 -1.53 -7.37
C GLY C 73 4.91 -1.17 -8.32
N PRO C 74 3.96 -0.37 -7.83
CA PRO C 74 2.91 0.16 -8.71
C PRO C 74 3.51 1.17 -9.67
N ASN C 75 2.96 1.19 -10.88
CA ASN C 75 3.14 2.29 -11.85
C ASN C 75 2.14 3.41 -11.53
N PHE C 76 2.61 4.55 -11.05
CA PHE C 76 1.69 5.65 -10.64
C PHE C 76 1.10 6.35 -11.86
N SER C 77 1.49 6.00 -13.09
CA SER C 77 0.74 6.45 -14.30
C SER C 77 -0.69 5.91 -14.27
N ASN C 78 -0.84 4.74 -13.66
CA ASN C 78 -2.03 3.84 -13.74
C ASN C 78 -2.65 3.63 -12.35
N TYR C 79 -2.05 4.14 -11.29
CA TYR C 79 -2.56 3.95 -9.89
C TYR C 79 -2.87 5.32 -9.30
N THR C 80 -3.91 5.42 -8.48
CA THR C 80 -4.17 6.68 -7.75
C THR C 80 -3.08 6.82 -6.68
N GLU C 81 -2.94 7.99 -6.10
CA GLU C 81 -1.97 8.19 -4.99
C GLU C 81 -2.31 7.24 -3.84
N SER C 82 -3.59 7.08 -3.54
CA SER C 82 -4.04 6.23 -2.40
C SER C 82 -3.71 4.77 -2.66
N GLU C 83 -4.13 4.22 -3.81
CA GLU C 83 -3.99 2.77 -4.07
C GLU C 83 -2.51 2.47 -4.28
N GLY C 84 -1.79 3.37 -4.95
CA GLY C 84 -0.37 3.14 -5.23
C GLY C 84 0.43 3.16 -3.96
N ASP C 85 0.09 4.03 -3.00
CA ASP C 85 0.86 4.14 -1.76
C ASP C 85 0.83 2.80 -1.04
N ARG C 86 -0.33 2.15 -1.04
CA ARG C 86 -0.49 0.84 -0.35
C ARG C 86 0.30 -0.24 -1.10
N GLU C 87 0.26 -0.26 -2.43
CA GLU C 87 0.98 -1.30 -3.23
C GLU C 87 2.50 -1.11 -3.10
N LEU C 88 2.95 0.12 -2.99
CA LEU C 88 4.40 0.43 -2.86
C LEU C 88 4.86 -0.11 -1.50
N ALA C 89 4.10 0.17 -0.44
CA ALA C 89 4.42 -0.33 0.92
C ALA C 89 4.49 -1.86 0.88
N ALA C 90 3.52 -2.50 0.22
CA ALA C 90 3.42 -3.97 0.18
C ALA C 90 4.62 -4.57 -0.58
N ALA C 91 5.04 -3.98 -1.71
CA ALA C 91 6.17 -4.43 -2.54
C ALA C 91 7.41 -4.48 -1.64
N TYR C 92 7.61 -3.45 -0.82
CA TYR C 92 8.77 -3.44 0.09
C TYR C 92 8.67 -4.47 1.19
N ARG C 93 7.48 -4.66 1.79
N ARG C 93 7.48 -4.67 1.78
CA ARG C 93 7.29 -5.71 2.83
CA ARG C 93 7.28 -5.71 2.82
C ARG C 93 7.66 -7.07 2.23
C ARG C 93 7.64 -7.08 2.24
N GLU C 94 7.26 -7.33 0.98
CA GLU C 94 7.57 -8.63 0.32
C GLU C 94 9.09 -8.73 0.10
N VAL C 95 9.78 -7.61 -0.20
CA VAL C 95 11.27 -7.64 -0.36
C VAL C 95 11.88 -8.05 0.99
N ALA C 96 11.38 -7.52 2.10
CA ALA C 96 11.91 -7.81 3.46
C ALA C 96 11.72 -9.28 3.75
N LYS C 97 10.54 -9.83 3.43
CA LYS C 97 10.28 -11.28 3.57
C LYS C 97 11.31 -12.09 2.74
N GLU C 98 11.51 -11.72 1.49
CA GLU C 98 12.39 -12.50 0.59
C GLU C 98 13.83 -12.42 1.08
N VAL C 99 14.29 -11.22 1.43
CA VAL C 99 15.66 -11.07 1.99
C VAL C 99 15.80 -11.96 3.22
N THR C 100 14.80 -11.95 4.12
CA THR C 100 14.85 -12.76 5.36
C THR C 100 14.92 -14.27 5.01
N ARG C 101 14.07 -14.68 4.08
CA ARG C 101 13.93 -16.10 3.67
C ARG C 101 15.31 -16.55 3.16
N LEU C 102 15.99 -15.71 2.39
CA LEU C 102 17.24 -16.13 1.72
C LEU C 102 18.38 -16.29 2.72
N GLY C 103 18.33 -15.66 3.91
CA GLY C 103 19.42 -15.73 4.90
C GLY C 103 20.61 -14.84 4.52
N VAL C 104 20.47 -13.98 3.52
CA VAL C 104 21.60 -13.11 3.03
C VAL C 104 22.03 -12.10 4.10
N ASN C 105 23.31 -11.69 4.09
CA ASN C 105 23.80 -10.65 5.04
C ASN C 105 23.77 -9.27 4.38
N SER C 106 23.44 -9.17 3.10
CA SER C 106 23.42 -7.89 2.38
C SER C 106 22.51 -8.00 1.17
N VAL C 107 21.99 -6.87 0.76
CA VAL C 107 21.04 -6.72 -0.39
C VAL C 107 21.31 -5.37 -1.04
N ALA C 108 21.30 -5.34 -2.38
CA ALA C 108 21.35 -4.17 -3.25
C ALA C 108 19.91 -3.89 -3.65
N ILE C 109 19.44 -2.67 -3.38
N ILE C 109 19.45 -2.66 -3.45
CA ILE C 109 18.00 -2.27 -3.58
CA ILE C 109 18.01 -2.31 -3.63
C ILE C 109 17.96 -0.96 -4.34
C ILE C 109 17.91 -0.96 -4.30
N PRO C 110 17.04 -0.82 -5.33
CA PRO C 110 16.74 0.45 -5.94
C PRO C 110 15.48 1.03 -5.25
N LEU C 111 15.20 2.29 -5.49
CA LEU C 111 13.96 2.91 -4.94
C LEU C 111 12.83 2.57 -5.90
N LEU C 112 11.93 1.75 -5.45
CA LEU C 112 10.81 1.31 -6.30
C LEU C 112 9.88 2.48 -6.63
N SER C 113 9.29 2.43 -7.82
CA SER C 113 8.26 3.38 -8.34
C SER C 113 8.83 4.79 -8.45
N THR C 114 10.14 4.98 -8.70
CA THR C 114 10.72 6.34 -8.79
C THR C 114 11.20 6.73 -10.21
N GLY C 115 11.21 5.80 -11.15
CA GLY C 115 11.65 6.09 -12.54
C GLY C 115 10.43 6.15 -13.45
N VAL C 116 10.30 5.22 -14.40
CA VAL C 116 9.17 5.22 -15.37
C VAL C 116 7.86 4.95 -14.61
N TYR C 117 7.92 4.32 -13.43
CA TYR C 117 6.70 3.99 -12.62
C TYR C 117 6.36 5.16 -11.69
N SER C 118 7.06 6.29 -11.76
CA SER C 118 6.77 7.47 -10.88
C SER C 118 5.52 8.26 -11.26
N GLY C 119 4.97 8.08 -12.46
CA GLY C 119 3.90 8.93 -12.99
C GLY C 119 4.33 10.38 -13.11
N GLY C 120 5.62 10.64 -13.30
CA GLY C 120 6.21 11.97 -13.44
C GLY C 120 6.36 12.75 -12.14
N LYS C 121 6.21 12.13 -10.96
CA LYS C 121 6.34 12.82 -9.64
C LYS C 121 7.68 12.44 -9.02
N ASP C 122 8.24 13.32 -8.21
CA ASP C 122 9.42 13.03 -7.38
C ASP C 122 8.98 12.14 -6.22
N ARG C 123 9.36 10.86 -6.20
CA ARG C 123 8.92 9.94 -5.12
C ARG C 123 10.07 9.45 -4.24
N LEU C 124 11.16 10.21 -4.16
CA LEU C 124 12.35 9.80 -3.36
C LEU C 124 11.93 9.55 -1.90
N THR C 125 11.31 10.55 -1.25
CA THR C 125 10.94 10.46 0.17
C THR C 125 9.91 9.37 0.36
N GLN C 126 8.88 9.32 -0.49
CA GLN C 126 7.82 8.28 -0.34
C GLN C 126 8.43 6.87 -0.44
N SER C 127 9.21 6.65 -1.48
CA SER C 127 9.79 5.32 -1.76
C SER C 127 10.77 4.95 -0.63
N LEU C 128 11.65 5.88 -0.27
CA LEU C 128 12.64 5.63 0.81
C LEU C 128 11.95 5.34 2.14
N ASN C 129 10.87 6.06 2.46
CA ASN C 129 10.15 5.83 3.75
C ASN C 129 9.53 4.41 3.74
N HIS C 130 8.98 3.95 2.61
CA HIS C 130 8.43 2.58 2.54
C HIS C 130 9.58 1.56 2.70
N LEU C 131 10.72 1.84 2.11
CA LEU C 131 11.92 0.97 2.17
C LEU C 131 12.30 0.80 3.62
N PHE C 132 12.45 1.90 4.35
CA PHE C 132 12.85 1.83 5.79
C PHE C 132 11.78 1.11 6.59
N THR C 133 10.49 1.38 6.37
CA THR C 133 9.41 0.76 7.14
C THR C 133 9.53 -0.78 7.01
N ALA C 134 9.84 -1.28 5.80
CA ALA C 134 9.96 -2.74 5.54
C ALA C 134 11.30 -3.28 6.04
N MET C 135 12.40 -2.55 5.82
CA MET C 135 13.76 -3.13 5.97
C MET C 135 14.31 -2.89 7.37
N ASP C 136 13.69 -2.01 8.16
CA ASP C 136 14.29 -1.68 9.49
C ASP C 136 14.38 -2.91 10.39
N SER C 137 13.40 -3.82 10.28
CA SER C 137 13.26 -5.03 11.13
C SER C 137 14.19 -6.14 10.62
N THR C 138 14.84 -5.97 9.46
CA THR C 138 15.81 -6.94 8.91
C THR C 138 17.21 -6.66 9.40
N ASP C 139 18.07 -7.70 9.40
CA ASP C 139 19.46 -7.58 9.88
C ASP C 139 20.44 -7.63 8.72
N ALA C 140 19.98 -7.55 7.48
CA ALA C 140 20.85 -7.47 6.28
C ALA C 140 21.45 -6.08 6.16
N ASP C 141 22.72 -5.98 5.73
CA ASP C 141 23.24 -4.70 5.23
C ASP C 141 22.43 -4.33 3.99
N VAL C 142 21.85 -3.15 3.96
CA VAL C 142 21.05 -2.67 2.82
C VAL C 142 21.86 -1.61 2.11
N VAL C 143 22.08 -1.79 0.82
CA VAL C 143 22.80 -0.80 0.00
C VAL C 143 21.86 -0.31 -1.08
N ILE C 144 21.52 0.97 -1.03
CA ILE C 144 20.56 1.58 -1.98
C ILE C 144 21.33 2.11 -3.16
N TYR C 145 20.93 1.74 -4.37
CA TYR C 145 21.59 2.22 -5.61
C TYR C 145 20.77 3.32 -6.27
N CYS C 146 21.43 4.41 -6.64
CA CYS C 146 20.79 5.50 -7.40
C CYS C 146 21.73 5.95 -8.52
N ARG C 147 21.23 6.81 -9.40
CA ARG C 147 21.97 7.30 -10.59
C ARG C 147 22.22 8.80 -10.46
N ASP C 148 21.33 9.53 -9.80
CA ASP C 148 21.34 11.02 -9.79
C ASP C 148 22.14 11.51 -8.58
N LYS C 149 23.00 12.51 -8.77
CA LYS C 149 23.84 13.03 -7.64
C LYS C 149 23.02 13.72 -6.54
N GLU C 150 21.97 14.46 -6.90
CA GLU C 150 21.12 15.12 -5.87
C GLU C 150 20.36 14.03 -5.09
N TRP C 151 19.92 12.97 -5.75
CA TRP C 151 19.22 11.85 -5.05
C TRP C 151 20.20 11.18 -4.09
N GLU C 152 21.44 10.96 -4.52
CA GLU C 152 22.46 10.36 -3.62
C GLU C 152 22.59 11.16 -2.33
N LYS C 153 22.63 12.49 -2.45
CA LYS C 153 22.79 13.45 -1.32
C LYS C 153 21.58 13.33 -0.39
N LYS C 154 20.37 13.42 -0.94
CA LYS C 154 19.09 13.35 -0.17
C LYS C 154 19.03 12.01 0.58
N ILE C 155 19.28 10.91 -0.12
CA ILE C 155 19.20 9.56 0.51
C ILE C 155 20.24 9.45 1.63
N SER C 156 21.47 9.90 1.38
CA SER C 156 22.54 9.86 2.41
C SER C 156 22.08 10.66 3.63
N GLU C 157 21.57 11.87 3.40
CA GLU C 157 21.06 12.76 4.49
C GLU C 157 20.01 12.01 5.29
N ALA C 158 19.04 11.38 4.62
CA ALA C 158 17.94 10.63 5.25
C ALA C 158 18.50 9.51 6.13
N ILE C 159 19.52 8.79 5.66
CA ILE C 159 20.11 7.63 6.39
C ILE C 159 20.82 8.21 7.62
N GLN C 160 21.62 9.25 7.42
CA GLN C 160 22.46 9.79 8.50
C GLN C 160 21.58 10.41 9.61
N MET C 161 20.45 11.01 9.22
CA MET C 161 19.45 11.67 10.10
C MET C 161 18.98 10.75 11.22
N ARG C 162 19.06 9.42 11.03
CA ARG C 162 18.51 8.39 11.96
C ARG C 162 19.64 7.73 12.78
N THR C 163 20.91 7.95 12.40
CA THR C 163 22.11 7.39 13.08
C THR C 163 22.67 8.43 14.04
N PRO D 5 16.00 -19.92 39.16
CA PRO D 5 15.52 -18.52 39.13
C PRO D 5 14.08 -18.44 39.61
N SER D 6 13.64 -17.23 39.97
N SER D 6 13.63 -17.23 39.95
CA SER D 6 12.26 -16.88 40.40
CA SER D 6 12.23 -16.92 40.39
C SER D 6 11.59 -16.01 39.32
C SER D 6 11.58 -15.95 39.40
N TYR D 7 10.27 -16.10 39.19
CA TYR D 7 9.51 -15.33 38.16
C TYR D 7 8.37 -14.58 38.80
N ARG D 8 8.22 -13.33 38.38
CA ARG D 8 7.08 -12.46 38.72
C ARG D 8 6.69 -11.71 37.45
N VAL D 9 5.49 -11.14 37.46
CA VAL D 9 5.00 -10.31 36.34
C VAL D 9 4.49 -9.01 36.93
N LYS D 10 4.75 -7.90 36.24
CA LYS D 10 4.23 -6.57 36.61
C LYS D 10 3.58 -5.96 35.37
N ARG D 11 2.40 -5.37 35.54
CA ARG D 11 1.76 -4.57 34.49
C ARG D 11 2.24 -3.15 34.69
N MET D 12 3.38 -2.81 34.10
CA MET D 12 3.93 -1.45 34.25
C MET D 12 5.02 -1.24 33.21
N ASP D 13 5.36 0.02 32.99
CA ASP D 13 6.40 0.46 32.02
C ASP D 13 7.75 -0.16 32.44
N ILE D 14 8.37 -0.97 31.58
CA ILE D 14 9.66 -1.62 31.88
C ILE D 14 10.73 -0.54 32.09
N ALA D 15 10.50 0.67 31.57
CA ALA D 15 11.43 1.81 31.69
C ALA D 15 11.44 2.27 33.14
N LYS D 16 10.49 1.80 33.97
CA LYS D 16 10.46 2.15 35.41
C LYS D 16 10.66 0.91 36.27
N ASN D 17 11.40 -0.08 35.79
CA ASN D 17 11.64 -1.35 36.50
C ASN D 17 12.45 -1.12 37.79
N ASP D 18 12.33 -2.09 38.69
CA ASP D 18 13.02 -2.13 40.00
C ASP D 18 14.07 -3.22 39.99
N GLU D 19 14.64 -3.59 38.85
CA GLU D 19 15.64 -4.67 38.79
C GLU D 19 17.04 -4.12 38.42
N GLU D 20 18.07 -4.97 38.55
CA GLU D 20 19.49 -4.53 38.37
C GLU D 20 19.86 -4.35 36.90
N CYS D 21 19.02 -4.78 35.97
CA CYS D 21 19.25 -4.57 34.53
C CYS D 21 17.96 -4.81 33.76
N VAL D 22 17.98 -4.40 32.50
CA VAL D 22 16.76 -4.40 31.65
C VAL D 22 17.12 -5.07 30.34
N VAL D 23 16.15 -5.81 29.80
CA VAL D 23 16.20 -6.36 28.42
C VAL D 23 15.35 -5.48 27.54
N ASN D 24 15.97 -4.93 26.51
CA ASN D 24 15.27 -4.16 25.49
C ASN D 24 14.74 -5.13 24.44
N ALA D 25 13.50 -4.93 24.01
CA ALA D 25 12.93 -5.57 22.79
C ALA D 25 13.39 -4.74 21.59
N ALA D 26 14.64 -4.97 21.18
CA ALA D 26 15.41 -4.14 20.27
C ALA D 26 15.10 -4.48 18.81
N ASN D 27 15.44 -3.57 17.92
CA ASN D 27 15.48 -3.83 16.47
C ASN D 27 16.94 -4.05 16.11
N PRO D 28 17.21 -4.73 14.98
CA PRO D 28 18.58 -5.08 14.68
C PRO D 28 19.49 -3.88 14.42
N ARG D 29 18.92 -2.74 14.09
CA ARG D 29 19.69 -1.54 13.61
C ARG D 29 20.01 -0.60 14.76
N GLY D 30 19.57 -0.91 15.98
CA GLY D 30 19.74 0.00 17.13
C GLY D 30 18.97 1.29 16.98
N LEU D 31 17.83 1.28 16.30
CA LEU D 31 17.00 2.48 16.11
C LEU D 31 16.13 2.64 17.36
N PRO D 32 15.60 3.87 17.61
CA PRO D 32 14.65 4.12 18.71
C PRO D 32 13.39 3.25 18.72
N GLY D 33 12.83 2.97 17.54
CA GLY D 33 11.76 1.96 17.41
C GLY D 33 10.43 2.46 17.98
N ASP D 34 9.58 1.55 18.44
CA ASP D 34 8.28 1.83 19.10
C ASP D 34 8.13 0.88 20.28
N GLY D 35 7.02 0.99 21.02
CA GLY D 35 6.73 0.12 22.16
C GLY D 35 7.84 0.19 23.21
N VAL D 36 8.18 -0.97 23.77
CA VAL D 36 9.24 -1.14 24.79
C VAL D 36 10.49 -0.37 24.31
N CYS D 37 10.86 -0.51 23.04
CA CYS D 37 12.16 -0.03 22.51
C CYS D 37 12.16 1.50 22.62
N LYS D 38 11.04 2.14 22.29
CA LYS D 38 10.95 3.63 22.34
C LYS D 38 11.11 4.10 23.80
N ALA D 39 10.51 3.40 24.76
CA ALA D 39 10.51 3.76 26.19
C ALA D 39 11.93 3.55 26.76
N VAL D 40 12.60 2.51 26.31
CA VAL D 40 14.01 2.19 26.64
C VAL D 40 14.89 3.30 26.05
N TYR D 41 14.62 3.72 24.81
CA TYR D 41 15.39 4.83 24.18
C TYR D 41 15.19 6.13 24.98
N LYS D 42 13.98 6.42 25.44
CA LYS D 42 13.75 7.68 26.20
C LYS D 42 14.47 7.63 27.55
N LYS D 43 14.47 6.46 28.19
CA LYS D 43 15.02 6.28 29.57
C LYS D 43 16.53 6.13 29.57
N TRP D 44 17.09 5.34 28.65
CA TRP D 44 18.53 4.99 28.62
C TRP D 44 19.09 5.24 27.22
N PRO D 45 19.00 6.48 26.67
CA PRO D 45 19.45 6.72 25.30
C PRO D 45 20.93 6.41 25.08
N GLU D 46 21.76 6.55 26.11
CA GLU D 46 23.22 6.28 25.97
C GLU D 46 23.48 4.82 25.65
N SER D 47 22.53 3.92 25.99
CA SER D 47 22.70 2.46 25.80
C SER D 47 22.52 2.12 24.30
N PHE D 48 22.17 3.07 23.45
CA PHE D 48 22.01 2.78 22.00
C PHE D 48 23.29 3.03 21.20
N LYS D 49 24.39 3.35 21.89
CA LYS D 49 25.70 3.50 21.23
C LYS D 49 26.18 2.13 20.75
N ASN D 50 26.23 1.92 19.43
CA ASN D 50 26.66 0.61 18.86
C ASN D 50 25.84 -0.52 19.49
N SER D 51 24.54 -0.35 19.61
CA SER D 51 23.64 -1.44 20.09
C SER D 51 23.16 -2.32 18.93
N ALA D 52 23.41 -1.97 17.68
CA ALA D 52 22.98 -2.76 16.52
C ALA D 52 23.52 -4.17 16.66
N THR D 53 22.67 -5.17 16.38
CA THR D 53 23.07 -6.57 16.53
C THR D 53 22.09 -7.40 15.72
N PRO D 54 22.49 -8.59 15.28
CA PRO D 54 21.61 -9.34 14.42
C PRO D 54 20.40 -9.93 15.15
N VAL D 55 19.44 -10.34 14.33
CA VAL D 55 18.30 -11.16 14.83
C VAL D 55 18.82 -12.36 15.58
N GLY D 56 18.18 -12.69 16.68
CA GLY D 56 18.53 -13.88 17.48
C GLY D 56 19.73 -13.66 18.40
N THR D 57 20.20 -12.40 18.56
CA THR D 57 21.36 -12.05 19.43
C THR D 57 20.98 -11.04 20.50
N ALA D 58 21.83 -10.96 21.53
CA ALA D 58 21.70 -9.93 22.56
C ALA D 58 23.03 -9.16 22.66
N LYS D 59 22.96 -7.86 22.76
CA LYS D 59 24.17 -7.03 22.96
C LYS D 59 23.91 -6.08 24.13
N THR D 60 24.77 -6.13 25.13
CA THR D 60 24.65 -5.32 26.36
C THR D 60 25.43 -4.02 26.20
N VAL D 61 24.76 -2.92 26.38
CA VAL D 61 25.41 -1.58 26.47
C VAL D 61 25.00 -0.94 27.80
N MET D 62 25.99 -0.37 28.50
CA MET D 62 25.78 0.32 29.79
C MET D 62 25.22 1.70 29.54
N CYS D 63 24.25 2.07 30.36
CA CYS D 63 23.83 3.48 30.54
C CYS D 63 24.31 3.85 31.94
N GLY D 64 25.44 4.55 32.03
CA GLY D 64 26.14 4.66 33.32
C GLY D 64 26.68 3.31 33.72
N THR D 65 26.21 2.75 34.86
CA THR D 65 26.56 1.38 35.28
C THR D 65 25.33 0.46 35.14
N TYR D 66 24.24 0.95 34.57
CA TYR D 66 22.99 0.18 34.42
C TYR D 66 23.01 -0.56 33.07
N PRO D 67 23.02 -1.92 33.06
CA PRO D 67 23.12 -2.66 31.82
C PRO D 67 21.78 -2.73 31.10
N VAL D 68 21.81 -2.40 29.83
CA VAL D 68 20.65 -2.55 28.91
C VAL D 68 21.05 -3.68 27.96
N ILE D 69 20.31 -4.78 28.03
CA ILE D 69 20.59 -5.98 27.21
C ILE D 69 19.67 -5.86 25.99
N HIS D 70 20.20 -5.40 24.86
CA HIS D 70 19.40 -5.26 23.62
C HIS D 70 19.21 -6.65 23.00
N ALA D 71 18.01 -7.20 23.07
CA ALA D 71 17.73 -8.56 22.53
C ALA D 71 16.86 -8.43 21.29
N VAL D 72 17.30 -9.01 20.16
CA VAL D 72 16.58 -8.79 18.88
C VAL D 72 15.77 -10.05 18.57
N GLY D 73 14.51 -10.03 18.95
CA GLY D 73 13.57 -11.09 18.53
C GLY D 73 13.29 -10.95 17.05
N PRO D 74 12.88 -12.05 16.38
CA PRO D 74 12.54 -11.96 14.98
C PRO D 74 11.20 -11.28 14.73
N ASN D 75 11.11 -10.59 13.61
CA ASN D 75 9.84 -10.03 13.10
C ASN D 75 9.13 -11.12 12.31
N PHE D 76 8.05 -11.66 12.88
CA PHE D 76 7.26 -12.73 12.23
C PHE D 76 6.51 -12.23 10.99
N SER D 77 6.49 -10.95 10.71
CA SER D 77 6.12 -10.49 9.34
C SER D 77 7.15 -10.92 8.30
N ASN D 78 8.41 -11.11 8.68
CA ASN D 78 9.50 -11.40 7.74
C ASN D 78 9.87 -12.87 7.73
N TYR D 79 9.81 -13.53 8.91
CA TYR D 79 10.27 -14.90 9.14
C TYR D 79 9.06 -15.84 8.98
N THR D 80 9.34 -17.04 8.52
CA THR D 80 8.39 -18.18 8.64
C THR D 80 8.20 -18.56 10.09
N GLU D 81 7.10 -19.23 10.40
CA GLU D 81 6.92 -19.74 11.77
C GLU D 81 8.12 -20.55 12.20
N SER D 82 8.63 -21.44 11.34
CA SER D 82 9.72 -22.35 11.71
C SER D 82 11.00 -21.54 12.03
N GLU D 83 11.40 -20.67 11.10
CA GLU D 83 12.73 -19.97 11.22
C GLU D 83 12.64 -18.97 12.37
N GLY D 84 11.51 -18.29 12.49
CA GLY D 84 11.22 -17.33 13.57
C GLY D 84 11.25 -18.00 14.92
N ASP D 85 10.65 -19.20 15.05
CA ASP D 85 10.64 -19.92 16.34
C ASP D 85 12.08 -20.15 16.82
N ARG D 86 12.98 -20.50 15.90
CA ARG D 86 14.40 -20.76 16.20
C ARG D 86 15.09 -19.46 16.66
N GLU D 87 14.81 -18.36 15.96
CA GLU D 87 15.46 -17.04 16.28
C GLU D 87 14.92 -16.49 17.59
N LEU D 88 13.65 -16.76 17.94
CA LEU D 88 13.06 -16.31 19.22
C LEU D 88 13.71 -17.08 20.35
N ALA D 89 13.86 -18.40 20.22
CA ALA D 89 14.59 -19.24 21.19
C ALA D 89 16.02 -18.68 21.34
N ALA D 90 16.69 -18.35 20.25
CA ALA D 90 18.10 -17.89 20.26
C ALA D 90 18.23 -16.57 21.02
N ALA D 91 17.35 -15.61 20.75
CA ALA D 91 17.40 -14.28 21.38
C ALA D 91 17.31 -14.47 22.91
N TYR D 92 16.37 -15.26 23.38
CA TYR D 92 16.26 -15.54 24.83
C TYR D 92 17.48 -16.28 25.38
N ARG D 93 18.00 -17.28 24.66
CA ARG D 93 19.26 -17.98 25.01
C ARG D 93 20.36 -16.94 25.25
N GLU D 94 20.52 -16.00 24.32
CA GLU D 94 21.61 -14.99 24.39
C GLU D 94 21.34 -14.00 25.54
N VAL D 95 20.09 -13.65 25.82
CA VAL D 95 19.72 -12.87 27.05
C VAL D 95 20.22 -13.61 28.31
N ALA D 96 19.93 -14.90 28.46
CA ALA D 96 20.27 -15.70 29.66
C ALA D 96 21.80 -15.67 29.84
N LYS D 97 22.54 -15.83 28.75
CA LYS D 97 24.03 -15.85 28.76
C LYS D 97 24.56 -14.49 29.25
N GLU D 98 23.97 -13.38 28.80
CA GLU D 98 24.35 -12.01 29.26
C GLU D 98 24.01 -11.83 30.75
N VAL D 99 22.84 -12.25 31.19
CA VAL D 99 22.39 -12.11 32.60
C VAL D 99 23.39 -12.84 33.52
N THR D 100 23.78 -14.07 33.18
CA THR D 100 24.80 -14.87 33.91
C THR D 100 26.11 -14.08 33.90
N ARG D 101 26.56 -13.64 32.73
CA ARG D 101 27.89 -12.99 32.54
C ARG D 101 27.95 -11.73 33.42
N LEU D 102 26.86 -10.98 33.48
CA LEU D 102 26.78 -9.69 34.24
C LEU D 102 26.73 -9.97 35.73
N GLY D 103 26.35 -11.17 36.15
CA GLY D 103 26.30 -11.55 37.58
C GLY D 103 25.21 -10.83 38.36
N VAL D 104 24.22 -10.27 37.69
CA VAL D 104 23.15 -9.50 38.35
C VAL D 104 22.27 -10.45 39.18
N ASN D 105 21.57 -9.88 40.14
CA ASN D 105 20.61 -10.60 41.00
C ASN D 105 19.21 -10.61 40.41
N SER D 106 18.92 -9.67 39.51
CA SER D 106 17.55 -9.47 38.98
C SER D 106 17.63 -8.89 37.56
N VAL D 107 16.56 -9.09 36.79
CA VAL D 107 16.47 -8.59 35.40
C VAL D 107 14.99 -8.37 35.10
N ALA D 108 14.70 -7.23 34.51
CA ALA D 108 13.42 -6.82 33.93
C ALA D 108 13.43 -7.26 32.45
N ILE D 109 12.39 -7.98 32.02
N ILE D 109 12.43 -8.05 32.05
CA ILE D 109 12.35 -8.64 30.68
CA ILE D 109 12.34 -8.62 30.67
C ILE D 109 10.96 -8.52 30.07
C ILE D 109 10.94 -8.38 30.11
N PRO D 110 10.83 -8.03 28.81
CA PRO D 110 9.55 -7.99 28.13
C PRO D 110 9.36 -9.28 27.35
N LEU D 111 8.16 -9.52 26.80
CA LEU D 111 7.95 -10.71 25.94
C LEU D 111 8.35 -10.34 24.50
N LEU D 112 9.52 -10.85 24.08
CA LEU D 112 10.07 -10.59 22.75
C LEU D 112 9.09 -11.06 21.67
N SER D 113 8.95 -10.29 20.60
CA SER D 113 8.23 -10.65 19.34
C SER D 113 6.70 -10.74 19.56
N THR D 114 6.16 -10.13 20.62
CA THR D 114 4.69 -10.18 20.93
C THR D 114 3.94 -8.90 20.57
N GLY D 115 4.66 -7.85 20.18
CA GLY D 115 4.10 -6.58 19.73
C GLY D 115 4.11 -6.46 18.22
N VAL D 116 4.72 -5.40 17.70
CA VAL D 116 4.73 -5.15 16.23
C VAL D 116 5.57 -6.23 15.52
N TYR D 117 6.35 -7.05 16.22
CA TYR D 117 7.09 -8.18 15.58
C TYR D 117 6.26 -9.46 15.60
N SER D 118 4.99 -9.41 16.03
CA SER D 118 4.16 -10.64 16.23
C SER D 118 3.61 -11.15 14.90
N GLY D 119 3.65 -10.36 13.83
CA GLY D 119 3.05 -10.75 12.54
C GLY D 119 1.53 -10.85 12.68
N GLY D 120 0.96 -10.03 13.57
CA GLY D 120 -0.50 -9.94 13.84
C GLY D 120 -1.03 -11.15 14.59
N LYS D 121 -0.17 -11.96 15.21
CA LYS D 121 -0.58 -13.18 15.92
C LYS D 121 -0.34 -13.03 17.41
N ASP D 122 -1.15 -13.70 18.24
CA ASP D 122 -1.00 -13.73 19.72
C ASP D 122 0.12 -14.72 20.02
N ARG D 123 1.28 -14.21 20.45
CA ARG D 123 2.49 -15.00 20.72
C ARG D 123 2.84 -15.01 22.22
N LEU D 124 1.90 -14.69 23.10
CA LEU D 124 2.14 -14.74 24.56
C LEU D 124 2.75 -16.08 24.97
N THR D 125 2.07 -17.23 24.73
CA THR D 125 2.52 -18.55 25.23
C THR D 125 3.88 -18.92 24.59
N GLN D 126 4.02 -18.69 23.31
CA GLN D 126 5.26 -19.06 22.57
C GLN D 126 6.42 -18.25 23.14
N SER D 127 6.25 -16.94 23.26
CA SER D 127 7.33 -16.06 23.80
C SER D 127 7.68 -16.42 25.25
N LEU D 128 6.65 -16.58 26.11
CA LEU D 128 6.85 -16.93 27.53
C LEU D 128 7.51 -18.27 27.63
N ASN D 129 7.21 -19.23 26.73
CA ASN D 129 7.83 -20.57 26.80
C ASN D 129 9.33 -20.51 26.51
N HIS D 130 9.75 -19.76 25.49
CA HIS D 130 11.19 -19.60 25.17
C HIS D 130 11.87 -18.85 26.34
N LEU D 131 11.19 -17.86 26.91
CA LEU D 131 11.70 -17.07 28.08
C LEU D 131 12.02 -18.03 29.24
N PHE D 132 11.09 -18.91 29.62
CA PHE D 132 11.31 -19.82 30.78
C PHE D 132 12.47 -20.75 30.43
N THR D 133 12.51 -21.27 29.21
CA THR D 133 13.52 -22.28 28.81
C THR D 133 14.91 -21.68 28.99
N ALA D 134 15.09 -20.46 28.50
CA ALA D 134 16.40 -19.80 28.54
C ALA D 134 16.71 -19.41 29.99
N MET D 135 15.76 -18.76 30.65
CA MET D 135 16.06 -18.07 31.93
C MET D 135 16.14 -19.09 33.07
N ASP D 136 15.60 -20.31 32.89
CA ASP D 136 15.73 -21.37 33.92
C ASP D 136 17.19 -21.74 34.13
N SER D 137 18.09 -21.45 33.17
CA SER D 137 19.54 -21.76 33.27
C SER D 137 20.25 -20.66 34.07
N THR D 138 19.55 -19.59 34.48
CA THR D 138 20.12 -18.53 35.38
C THR D 138 19.62 -18.75 36.81
N ASP D 139 20.17 -17.98 37.75
CA ASP D 139 19.77 -17.96 39.18
C ASP D 139 19.11 -16.61 39.54
N ALA D 140 18.89 -15.74 38.55
CA ALA D 140 18.41 -14.35 38.77
C ALA D 140 16.91 -14.34 39.05
N ASP D 141 16.47 -13.37 39.83
CA ASP D 141 15.03 -13.01 39.92
C ASP D 141 14.67 -12.39 38.59
N VAL D 142 13.71 -12.98 37.89
CA VAL D 142 13.19 -12.48 36.60
C VAL D 142 11.85 -11.82 36.86
N VAL D 143 11.70 -10.60 36.36
CA VAL D 143 10.45 -9.83 36.44
C VAL D 143 10.04 -9.49 35.01
N ILE D 144 8.90 -10.02 34.60
CA ILE D 144 8.36 -9.88 33.25
C ILE D 144 7.45 -8.67 33.28
N TYR D 145 7.60 -7.75 32.33
CA TYR D 145 6.81 -6.52 32.26
C TYR D 145 5.85 -6.64 31.08
N CYS D 146 4.54 -6.40 31.28
CA CYS D 146 3.48 -6.34 30.24
C CYS D 146 2.66 -5.08 30.50
N ARG D 147 1.84 -4.68 29.52
N ARG D 147 1.81 -4.67 29.55
CA ARG D 147 0.94 -3.49 29.59
CA ARG D 147 0.93 -3.48 29.71
C ARG D 147 -0.50 -3.95 29.87
C ARG D 147 -0.54 -3.91 29.84
N ASP D 148 -0.88 -5.09 29.33
CA ASP D 148 -2.31 -5.54 29.27
C ASP D 148 -2.72 -6.32 30.53
N LYS D 149 -3.88 -6.03 31.12
CA LYS D 149 -4.38 -6.76 32.33
C LYS D 149 -4.59 -8.24 32.02
N GLU D 150 -5.15 -8.57 30.84
CA GLU D 150 -5.43 -10.00 30.53
C GLU D 150 -4.10 -10.73 30.30
N TRP D 151 -3.13 -10.07 29.67
CA TRP D 151 -1.77 -10.66 29.51
C TRP D 151 -1.13 -10.86 30.87
N GLU D 152 -1.22 -9.86 31.75
CA GLU D 152 -0.78 -9.97 33.17
C GLU D 152 -1.32 -11.25 33.79
N LYS D 153 -2.64 -11.49 33.75
CA LYS D 153 -3.26 -12.65 34.44
C LYS D 153 -2.71 -13.95 33.82
N LYS D 154 -2.60 -13.98 32.49
CA LYS D 154 -2.15 -15.16 31.70
C LYS D 154 -0.73 -15.55 32.10
N ILE D 155 0.16 -14.56 32.29
CA ILE D 155 1.60 -14.81 32.62
C ILE D 155 1.68 -15.39 34.04
N SER D 156 1.00 -14.78 35.01
CA SER D 156 0.92 -15.27 36.40
C SER D 156 0.47 -16.74 36.41
N GLU D 157 -0.69 -17.01 35.81
CA GLU D 157 -1.22 -18.39 35.62
C GLU D 157 -0.08 -19.29 35.12
N ALA D 158 0.59 -18.90 34.03
CA ALA D 158 1.72 -19.65 33.45
C ALA D 158 2.84 -19.79 34.50
N ILE D 159 3.14 -18.74 35.26
CA ILE D 159 4.17 -18.84 36.34
C ILE D 159 3.65 -19.80 37.42
N GLN D 160 2.40 -19.62 37.85
CA GLN D 160 1.78 -20.45 38.93
C GLN D 160 1.86 -21.95 38.57
N MET D 161 1.55 -22.28 37.31
CA MET D 161 1.34 -23.66 36.79
C MET D 161 2.65 -24.45 36.75
N ARG D 162 3.81 -23.77 36.73
CA ARG D 162 5.15 -24.42 36.68
C ARG D 162 5.55 -24.91 38.07
N THR D 163 4.91 -24.39 39.13
CA THR D 163 5.20 -24.74 40.54
C THR D 163 4.48 -26.06 40.87
S DMS E . -8.66 -1.90 1.28
O DMS E . -7.68 -1.09 2.15
C1 DMS E . -10.02 -0.86 0.97
C2 DMS E . -9.49 -3.03 2.40
S DMS F . -20.79 11.09 10.90
O DMS F . -19.58 10.49 11.57
C1 DMS F . -20.95 10.27 9.33
C2 DMS F . -20.28 12.68 10.30
S DMS G . -28.21 13.75 0.56
O DMS G . -27.15 14.70 1.06
C1 DMS G . -28.30 13.96 -1.20
C2 DMS G . -29.77 14.50 0.97
C TRS H . -13.98 24.45 18.95
C1 TRS H . -13.61 24.94 17.55
C2 TRS H . -12.99 23.41 19.49
C3 TRS H . -14.06 25.65 19.90
N TRS H . -15.33 23.78 18.87
O1 TRS H . -14.56 25.86 17.00
O2 TRS H . -11.68 23.91 19.64
O3 TRS H . -14.81 25.36 21.07
S DMS I . 0.83 14.97 10.25
O DMS I . 0.43 15.41 8.85
C1 DMS I . 0.08 13.41 10.53
C2 DMS I . -0.15 15.90 11.41
CL CL J . -22.58 14.32 7.81
CL CL K . -24.69 13.67 -1.85
CL CL L . -18.49 4.54 -6.71
C4 HEW M . -19.91 10.70 -0.54
C5 HEW M . -18.70 10.25 -1.04
N1 HEW M . -18.25 7.09 0.43
N2 HEW M . -18.15 9.05 -0.74
C3 HEW M . -20.57 9.84 0.32
C1 HEW M . -18.83 8.24 0.11
C2 HEW M . -20.07 8.61 0.65
BR1 HEW M . -22.20 10.41 1.10
S DMS N . -30.90 22.85 18.71
O DMS N . -31.27 21.63 19.52
C1 DMS N . -31.98 24.15 19.24
C2 DMS N . -31.59 22.61 17.10
S DMS O . -22.05 6.79 -8.73
O DMS O . -21.99 7.04 -7.23
C1 DMS O . -20.51 6.03 -9.17
C2 DMS O . -23.13 5.39 -8.96
S DMS P . 0.94 1.20 5.61
O DMS P . 0.90 1.99 4.32
C1 DMS P . 0.41 -0.44 5.20
C2 DMS P . -0.49 1.70 6.53
S DMS Q . -20.32 -9.13 -17.26
O DMS Q . -19.94 -7.92 -16.48
C1 DMS Q . -20.11 -8.71 -18.98
C2 DMS Q . -22.09 -9.15 -17.25
CL CL R . -18.68 -11.91 -20.48
C4 HEW S . -9.53 -10.76 -17.00
C5 HEW S . -8.81 -9.60 -16.83
N1 HEW S . -10.29 -8.05 -14.04
N2 HEW S . -9.04 -8.70 -15.87
C3 HEW S . -10.54 -11.01 -16.10
C1 HEW S . -10.05 -8.97 -15.00
C2 HEW S . -10.82 -10.13 -15.08
BR1 HEW S . -11.59 -12.57 -16.30
S DMS T . -6.59 -12.10 -13.63
O DMS T . -5.91 -13.32 -14.20
C1 DMS T . -5.80 -11.80 -12.07
C2 DMS T . -8.16 -12.64 -13.00
CL CL U . 18.24 8.26 -9.05
CL CL V . -0.63 -7.51 -11.42
CL CL W . 10.40 2.49 -11.65
S DMS X . 26.64 -10.65 -18.71
O DMS X . 25.49 -11.30 -17.98
C1 DMS X . 27.08 -9.17 -17.86
C2 DMS X . 25.97 -9.90 -20.19
S DMS Y . 14.63 10.28 -10.89
O DMS Y . 15.70 11.31 -10.76
C1 DMS Y . 15.45 8.75 -11.27
C2 DMS Y . 13.88 10.53 -12.48
C TRS Z . 21.86 -15.72 13.64
C1 TRS Z . 22.46 -16.15 12.30
C2 TRS Z . 21.33 -16.93 14.39
C3 TRS Z . 22.90 -14.98 14.49
N TRS Z . 20.71 -14.79 13.36
O1 TRS Z . 21.50 -16.76 11.45
O2 TRS Z . 20.74 -16.57 15.64
O3 TRS Z . 23.64 -14.01 13.75
S DMS AA . 15.19 10.48 31.64
O DMS AA . 14.32 9.38 32.17
C1 DMS AA . 14.41 11.07 30.15
C2 DMS AA . 16.61 9.70 30.88
S DMS BA . 10.44 -2.79 17.67
O DMS BA . 11.50 -1.73 17.88
C1 DMS BA . 9.02 -2.40 18.67
C2 DMS BA . 10.95 -4.32 18.41
S DMS CA . 29.44 -4.82 28.42
O DMS CA . 28.50 -5.37 29.48
C1 DMS CA . 28.73 -3.30 27.88
C2 DMS CA . 29.17 -5.79 26.94
CL CL DA . 1.17 -6.77 27.02
CL CL EA . 7.80 -6.79 19.46
C4 HEW FA . 5.47 -3.40 28.14
C5 HEW FA . 6.26 -2.92 29.16
N1 HEW FA . 6.95 0.41 28.27
N2 HEW FA . 6.76 -1.67 29.21
C3 HEW FA . 5.18 -2.53 27.11
C1 HEW FA . 6.46 -0.84 28.19
C2 HEW FA . 5.66 -1.24 27.11
BR1 HEW FA . 4.05 -3.11 25.70
#